data_5ZZ6
#
_entry.id   5ZZ6
#
_cell.length_a   53.512
_cell.length_b   89.454
_cell.length_c   87.025
_cell.angle_alpha   90.000
_cell.angle_beta   96.760
_cell.angle_gamma   90.000
#
_symmetry.space_group_name_H-M   'P 1 21 1'
#
loop_
_entity.id
_entity.type
_entity.pdbx_description
1 polymer 'Redox-sensing transcriptional repressor Rex 1'
2 non-polymer NICOTINAMIDE-ADENINE-DINUCLEOTIDE
3 non-polymer "ADENOSINE-5'-DIPHOSPHATE"
4 water water
#
_entity_poly.entity_id   1
_entity_poly.type   'polypeptide(L)'
_entity_poly.pdbx_seq_one_letter_code
;MAEKIPKPVSKRLVSYYMCLERLLDEGVEVVSSEELARRLDLKASQIRKDLSYFGEFGKRGVGYNVEHLYDAIGEILGVK
KEWKLVVVGAGNIGRAVANYTVMKEKGFRIIGIFDSDPSKIGKEAAPGLTVSDVSELEKFVEEHGVEIGVIAVPAEHAQE
IAERLEKAGIKGILNFAPVKIKVSVPVENIDITASLRVLTFEIVRRNS
;
_entity_poly.pdbx_strand_id   A,B,C,D
#
loop_
_chem_comp.id
_chem_comp.type
_chem_comp.name
_chem_comp.formula
ADP non-polymer ADENOSINE-5'-DIPHOSPHATE 'C10 H15 N5 O10 P2'
NAD non-polymer NICOTINAMIDE-ADENINE-DINUCLEOTIDE 'C21 H27 N7 O14 P2'
#
# COMPACT_ATOMS: atom_id res chain seq x y z
N VAL A 9 -30.90 3.37 10.06
CA VAL A 9 -30.51 4.06 11.29
C VAL A 9 -29.98 5.46 10.96
N SER A 10 -29.86 6.30 12.00
CA SER A 10 -29.50 7.70 11.80
C SER A 10 -28.18 7.84 11.05
N LYS A 11 -27.12 7.21 11.55
CA LYS A 11 -25.82 7.33 10.89
C LYS A 11 -25.88 6.76 9.48
N ARG A 12 -26.58 5.64 9.29
CA ARG A 12 -26.69 5.06 7.96
C ARG A 12 -27.55 5.92 7.05
N LEU A 13 -28.63 6.49 7.58
CA LEU A 13 -29.47 7.40 6.77
C LEU A 13 -28.68 8.62 6.33
N VAL A 14 -27.90 9.18 7.23
CA VAL A 14 -27.11 10.34 6.88
C VAL A 14 -26.06 9.99 5.85
N SER A 15 -25.47 8.82 6.01
CA SER A 15 -24.48 8.38 5.03
C SER A 15 -25.11 8.25 3.62
N TYR A 16 -26.29 7.71 3.53
CA TYR A 16 -26.96 7.66 2.26
C TYR A 16 -27.22 9.07 1.76
N TYR A 17 -27.64 9.96 2.63
CA TYR A 17 -27.98 11.32 2.24
C TYR A 17 -26.77 12.07 1.69
N MET A 18 -25.63 11.97 2.36
CA MET A 18 -24.44 12.66 1.87
C MET A 18 -24.03 12.13 0.49
N CYS A 19 -24.10 10.82 0.31
CA CYS A 19 -23.73 10.23 -0.98
C CYS A 19 -24.68 10.68 -2.09
N LEU A 20 -26.00 10.53 -1.87
CA LEU A 20 -26.97 10.92 -2.88
C LEU A 20 -26.88 12.41 -3.19
N GLU A 21 -26.58 13.24 -2.20
CA GLU A 21 -26.45 14.67 -2.43
C GLU A 21 -25.26 14.98 -3.34
N ARG A 22 -24.11 14.36 -3.08
CA ARG A 22 -22.98 14.48 -4.00
C ARG A 22 -23.36 13.94 -5.37
N LEU A 23 -24.16 12.88 -5.41
CA LEU A 23 -24.60 12.32 -6.69
C LEU A 23 -25.48 13.30 -7.45
N LEU A 24 -26.39 13.99 -6.75
CA LEU A 24 -27.22 15.00 -7.41
C LEU A 24 -26.38 16.17 -7.90
N ASP A 25 -25.38 16.58 -7.11
CA ASP A 25 -24.53 17.69 -7.52
C ASP A 25 -23.79 17.37 -8.81
N GLU A 26 -23.36 16.11 -8.97
CA GLU A 26 -22.77 15.69 -10.24
C GLU A 26 -23.81 15.67 -11.35
N GLY A 27 -25.08 15.48 -11.00
CA GLY A 27 -26.15 15.40 -11.98
C GLY A 27 -26.64 14.01 -12.31
N VAL A 28 -26.19 12.98 -11.59
CA VAL A 28 -26.57 11.62 -11.95
C VAL A 28 -28.02 11.38 -11.61
N GLU A 29 -28.72 10.68 -12.51
CA GLU A 29 -30.12 10.31 -12.30
C GLU A 29 -30.26 8.99 -11.58
N VAL A 30 -29.54 7.97 -12.03
CA VAL A 30 -29.66 6.62 -11.52
C VAL A 30 -28.31 6.17 -11.01
N VAL A 31 -28.29 5.55 -9.84
CA VAL A 31 -27.09 4.96 -9.27
C VAL A 31 -27.40 3.50 -8.95
N SER A 32 -26.48 2.61 -9.30
CA SER A 32 -26.67 1.20 -9.04
C SER A 32 -26.36 0.87 -7.58
N SER A 33 -26.82 -0.30 -7.15
CA SER A 33 -26.50 -0.75 -5.79
C SER A 33 -24.99 -0.96 -5.64
N GLU A 34 -24.33 -1.42 -6.70
CA GLU A 34 -22.89 -1.66 -6.63
C GLU A 34 -22.13 -0.36 -6.47
N GLU A 35 -22.50 0.67 -7.22
CA GLU A 35 -21.88 1.97 -7.04
C GLU A 35 -22.16 2.53 -5.65
N LEU A 36 -23.38 2.34 -5.15
CA LEU A 36 -23.67 2.68 -3.76
C LEU A 36 -22.86 1.80 -2.81
N ALA A 37 -22.73 0.52 -3.12
CA ALA A 37 -21.96 -0.38 -2.27
C ALA A 37 -20.52 0.08 -2.15
N ARG A 38 -19.91 0.50 -3.26
CA ARG A 38 -18.53 0.96 -3.22
C ARG A 38 -18.42 2.31 -2.51
N ARG A 39 -19.33 3.24 -2.82
CA ARG A 39 -19.23 4.59 -2.27
C ARG A 39 -19.45 4.57 -0.76
N LEU A 40 -20.35 3.72 -0.27
CA LEU A 40 -20.60 3.61 1.16
C LEU A 40 -19.78 2.52 1.83
N ASP A 41 -18.99 1.77 1.06
CA ASP A 41 -18.21 0.64 1.59
C ASP A 41 -19.11 -0.35 2.32
N LEU A 42 -20.25 -0.66 1.71
CA LEU A 42 -21.23 -1.58 2.26
C LEU A 42 -21.47 -2.73 1.28
N LYS A 43 -22.12 -3.78 1.78
CA LYS A 43 -22.46 -4.92 0.94
C LYS A 43 -23.67 -4.60 0.08
N ALA A 44 -23.66 -5.08 -1.17
CA ALA A 44 -24.76 -4.82 -2.08
C ALA A 44 -26.07 -5.40 -1.56
N SER A 45 -26.01 -6.51 -0.81
CA SER A 45 -27.22 -7.05 -0.21
C SER A 45 -27.78 -6.10 0.84
N GLN A 46 -26.90 -5.41 1.57
CA GLN A 46 -27.36 -4.45 2.58
C GLN A 46 -27.86 -3.18 1.92
N ILE A 47 -27.19 -2.73 0.85
CA ILE A 47 -27.65 -1.56 0.09
C ILE A 47 -29.07 -1.80 -0.40
N ARG A 48 -29.32 -2.96 -0.99
CA ARG A 48 -30.67 -3.29 -1.44
C ARG A 48 -31.63 -3.43 -0.26
N LYS A 49 -31.16 -3.93 0.88
CA LYS A 49 -32.04 -4.12 2.02
C LYS A 49 -32.43 -2.79 2.65
N ASP A 50 -31.44 -1.91 2.86
CA ASP A 50 -31.73 -0.60 3.42
C ASP A 50 -32.67 0.20 2.52
N LEU A 51 -32.37 0.24 1.22
CA LEU A 51 -33.15 1.04 0.30
C LEU A 51 -34.51 0.43 -0.02
N SER A 52 -34.69 -0.87 0.24
CA SER A 52 -36.01 -1.48 0.10
C SER A 52 -37.04 -0.84 1.04
N TYR A 53 -36.58 -0.06 2.03
CA TYR A 53 -37.52 0.67 2.88
C TYR A 53 -38.35 1.65 2.07
N PHE A 54 -37.79 2.21 1.02
CA PHE A 54 -38.49 3.16 0.16
C PHE A 54 -39.23 2.47 -0.98
N GLY A 55 -39.28 1.14 -0.99
CA GLY A 55 -40.05 0.40 -1.97
C GLY A 55 -39.66 0.69 -3.39
N GLU A 56 -40.54 0.38 -4.34
CA GLU A 56 -40.27 0.65 -5.74
C GLU A 56 -40.18 2.14 -6.06
N PHE A 57 -40.61 3.01 -5.13
CA PHE A 57 -40.47 4.44 -5.33
C PHE A 57 -39.00 4.85 -5.40
N GLY A 58 -38.13 4.15 -4.71
CA GLY A 58 -36.72 4.47 -4.75
C GLY A 58 -35.93 3.87 -5.89
N LYS A 59 -36.55 3.11 -6.79
CA LYS A 59 -35.83 2.42 -7.85
C LYS A 59 -36.21 2.96 -9.21
N ARG A 60 -35.23 2.96 -10.12
CA ARG A 60 -35.47 3.20 -11.54
C ARG A 60 -34.78 2.06 -12.29
N GLY A 61 -35.56 1.12 -12.78
CA GLY A 61 -34.97 -0.07 -13.39
C GLY A 61 -34.20 -0.86 -12.35
N VAL A 62 -32.97 -1.24 -12.70
CA VAL A 62 -32.14 -2.00 -11.77
C VAL A 62 -31.55 -1.09 -10.69
N GLY A 63 -31.34 0.19 -11.01
CA GLY A 63 -30.72 1.12 -10.11
C GLY A 63 -31.70 1.80 -9.18
N TYR A 64 -31.25 2.93 -8.63
CA TYR A 64 -32.03 3.73 -7.69
C TYR A 64 -32.12 5.16 -8.17
N ASN A 65 -33.33 5.71 -8.10
CA ASN A 65 -33.57 7.10 -8.44
C ASN A 65 -32.90 7.99 -7.41
N VAL A 66 -31.87 8.73 -7.82
CA VAL A 66 -31.05 9.50 -6.88
C VAL A 66 -31.87 10.60 -6.22
N GLU A 67 -32.66 11.31 -7.02
CA GLU A 67 -33.39 12.45 -6.48
C GLU A 67 -34.52 12.00 -5.55
N HIS A 68 -35.17 10.87 -5.88
CA HIS A 68 -36.25 10.35 -5.04
C HIS A 68 -35.74 9.96 -3.66
N LEU A 69 -34.64 9.20 -3.61
CA LEU A 69 -34.08 8.83 -2.32
C LEU A 69 -33.53 10.05 -1.59
N TYR A 70 -32.91 10.96 -2.33
CA TYR A 70 -32.37 12.18 -1.72
C TYR A 70 -33.49 13.00 -1.09
N ASP A 71 -34.60 13.19 -1.81
CA ASP A 71 -35.73 13.93 -1.25
C ASP A 71 -36.38 13.16 -0.10
N ALA A 72 -36.51 11.84 -0.24
CA ALA A 72 -37.16 11.05 0.82
C ALA A 72 -36.33 11.03 2.09
N ILE A 73 -35.01 10.84 1.96
CA ILE A 73 -34.14 10.83 3.13
C ILE A 73 -34.00 12.23 3.72
N GLY A 74 -33.95 13.26 2.86
CA GLY A 74 -33.95 14.62 3.37
C GLY A 74 -35.19 14.94 4.19
N GLU A 75 -36.34 14.40 3.77
CA GLU A 75 -37.57 14.56 4.54
C GLU A 75 -37.46 13.87 5.89
N ILE A 76 -36.96 12.63 5.91
CA ILE A 76 -36.77 11.91 7.16
C ILE A 76 -35.82 12.64 8.08
N LEU A 77 -34.72 13.16 7.51
CA LEU A 77 -33.70 13.84 8.31
C LEU A 77 -34.09 15.27 8.67
N GLY A 78 -35.21 15.77 8.18
CA GLY A 78 -35.65 17.12 8.47
C GLY A 78 -34.65 18.18 8.07
N VAL A 79 -34.12 18.08 6.85
CA VAL A 79 -33.07 18.98 6.40
C VAL A 79 -33.56 20.38 6.08
N LYS A 80 -34.88 20.58 6.00
CA LYS A 80 -35.40 21.91 5.72
C LYS A 80 -35.34 22.83 6.93
N LYS A 81 -35.35 22.25 8.13
CA LYS A 81 -35.36 23.06 9.35
C LYS A 81 -33.99 23.72 9.57
N GLU A 82 -34.02 24.96 10.04
CA GLU A 82 -32.82 25.64 10.49
C GLU A 82 -32.67 25.50 12.00
N TRP A 83 -31.42 25.50 12.46
CA TRP A 83 -31.11 25.26 13.87
C TRP A 83 -30.24 26.37 14.40
N LYS A 84 -30.59 26.90 15.57
CA LYS A 84 -29.73 27.88 16.24
C LYS A 84 -28.67 27.16 17.05
N LEU A 85 -27.42 27.58 16.90
CA LEU A 85 -26.28 26.97 17.56
C LEU A 85 -25.53 28.00 18.40
N VAL A 86 -24.94 27.52 19.49
CA VAL A 86 -23.92 28.28 20.20
C VAL A 86 -22.69 27.40 20.35
N VAL A 87 -21.53 28.04 20.33
CA VAL A 87 -20.25 27.36 20.47
C VAL A 87 -19.62 27.82 21.77
N VAL A 88 -19.43 26.90 22.70
CA VAL A 88 -18.76 27.20 23.96
C VAL A 88 -17.29 26.85 23.78
N GLY A 89 -16.43 27.86 23.90
CA GLY A 89 -15.01 27.70 23.63
C GLY A 89 -14.61 28.38 22.34
N ALA A 90 -13.87 29.48 22.45
CA ALA A 90 -13.38 30.22 21.28
C ALA A 90 -11.95 29.83 20.92
N GLY A 91 -11.59 28.57 21.15
CA GLY A 91 -10.24 28.10 20.86
C GLY A 91 -10.09 27.65 19.42
N ASN A 92 -9.20 26.66 19.22
CA ASN A 92 -8.95 26.15 17.88
C ASN A 92 -10.21 25.56 17.26
N ILE A 93 -10.87 24.66 17.99
CA ILE A 93 -12.06 24.01 17.45
C ILE A 93 -13.19 25.02 17.29
N GLY A 94 -13.45 25.80 18.34
CA GLY A 94 -14.58 26.73 18.29
C GLY A 94 -14.49 27.72 17.15
N ARG A 95 -13.30 28.28 16.91
CA ARG A 95 -13.14 29.26 15.84
C ARG A 95 -13.25 28.61 14.47
N ALA A 96 -12.61 27.44 14.28
CA ALA A 96 -12.73 26.73 13.01
C ALA A 96 -14.19 26.44 12.68
N VAL A 97 -14.97 26.01 13.67
CA VAL A 97 -16.38 25.72 13.43
C VAL A 97 -17.16 27.00 13.16
N ALA A 98 -16.88 28.06 13.93
CA ALA A 98 -17.62 29.30 13.74
C ALA A 98 -17.34 29.92 12.38
N ASN A 99 -16.17 29.66 11.81
CA ASN A 99 -15.80 30.25 10.52
C ASN A 99 -16.17 29.37 9.33
N TYR A 100 -16.76 28.20 9.56
CA TYR A 100 -17.26 27.37 8.47
C TYR A 100 -18.47 28.06 7.86
N THR A 101 -18.25 28.76 6.74
CA THR A 101 -19.28 29.65 6.21
C THR A 101 -20.51 28.88 5.73
N VAL A 102 -20.30 27.76 5.08
CA VAL A 102 -21.38 27.06 4.39
C VAL A 102 -22.23 26.30 5.40
N MET A 103 -21.80 26.30 6.68
CA MET A 103 -22.61 25.68 7.72
C MET A 103 -23.99 26.32 7.81
N LYS A 104 -24.04 27.66 7.69
CA LYS A 104 -25.33 28.35 7.66
C LYS A 104 -26.14 27.96 6.44
N GLU A 105 -25.47 27.67 5.32
CA GLU A 105 -26.18 27.25 4.11
C GLU A 105 -26.82 25.87 4.28
N LYS A 106 -26.24 25.03 5.15
CA LYS A 106 -26.80 23.71 5.42
C LYS A 106 -27.92 23.74 6.45
N GLY A 107 -28.22 24.90 7.03
CA GLY A 107 -29.29 25.01 8.00
C GLY A 107 -28.86 25.06 9.45
N PHE A 108 -27.58 25.24 9.74
CA PHE A 108 -27.07 25.31 11.11
C PHE A 108 -26.42 26.67 11.31
N ARG A 109 -27.10 27.54 12.05
CA ARG A 109 -26.72 28.95 12.20
C ARG A 109 -26.15 29.16 13.59
N ILE A 110 -24.85 29.38 13.67
CA ILE A 110 -24.20 29.74 14.92
C ILE A 110 -24.47 31.22 15.19
N ILE A 111 -25.14 31.51 16.31
CA ILE A 111 -25.49 32.87 16.66
C ILE A 111 -24.77 33.36 17.91
N GLY A 112 -24.03 32.50 18.59
CA GLY A 112 -23.29 32.91 19.76
C GLY A 112 -22.07 32.04 20.01
N ILE A 113 -20.99 32.64 20.50
CA ILE A 113 -19.79 31.90 20.87
C ILE A 113 -19.26 32.46 22.18
N PHE A 114 -18.89 31.57 23.10
CA PHE A 114 -18.59 31.93 24.47
C PHE A 114 -17.21 31.43 24.87
N ASP A 115 -16.60 32.13 25.83
CA ASP A 115 -15.31 31.72 26.37
C ASP A 115 -15.11 32.39 27.72
N SER A 116 -14.24 31.80 28.54
CA SER A 116 -13.93 32.29 29.86
C SER A 116 -12.59 33.02 29.92
N ASP A 117 -12.05 33.42 28.77
CA ASP A 117 -10.76 34.09 28.69
C ASP A 117 -11.00 35.56 28.35
N PRO A 118 -10.62 36.45 29.27
CA PRO A 118 -10.88 37.87 29.09
C PRO A 118 -10.20 38.43 27.84
N SER A 119 -9.07 37.84 27.44
CA SER A 119 -8.39 38.32 26.24
C SER A 119 -9.21 38.07 24.99
N LYS A 120 -10.07 37.05 24.99
CA LYS A 120 -10.84 36.70 23.80
C LYS A 120 -12.27 37.21 23.82
N ILE A 121 -12.84 37.45 25.00
CA ILE A 121 -14.16 38.06 25.07
C ILE A 121 -14.08 39.47 24.49
N GLY A 122 -15.03 39.80 23.61
CA GLY A 122 -15.00 41.04 22.89
C GLY A 122 -14.34 40.96 21.53
N LYS A 123 -13.50 39.96 21.30
CA LYS A 123 -12.87 39.79 20.00
C LYS A 123 -13.87 39.20 19.00
N GLU A 124 -13.50 39.27 17.73
CA GLU A 124 -14.34 38.74 16.65
C GLU A 124 -13.86 37.33 16.32
N ALA A 125 -14.67 36.33 16.68
CA ALA A 125 -14.34 34.95 16.33
C ALA A 125 -14.61 34.67 14.86
N ALA A 126 -15.57 35.39 14.27
CA ALA A 126 -15.93 35.24 12.87
C ALA A 126 -16.74 36.47 12.48
N PRO A 127 -16.80 36.80 11.18
CA PRO A 127 -17.55 38.00 10.77
C PRO A 127 -18.98 38.02 11.28
N GLY A 128 -19.33 39.08 12.01
CA GLY A 128 -20.65 39.19 12.60
C GLY A 128 -20.83 38.43 13.91
N LEU A 129 -19.77 37.84 14.44
CA LEU A 129 -19.84 37.00 15.63
C LEU A 129 -18.77 37.43 16.62
N THR A 130 -19.20 37.85 17.82
CA THR A 130 -18.30 38.31 18.86
C THR A 130 -18.30 37.32 20.02
N VAL A 131 -17.10 36.98 20.50
CA VAL A 131 -16.98 36.09 21.64
C VAL A 131 -17.61 36.75 22.87
N SER A 132 -18.49 36.02 23.54
CA SER A 132 -19.17 36.49 24.72
C SER A 132 -18.65 35.77 25.96
N ASP A 133 -18.94 36.35 27.12
CA ASP A 133 -18.50 35.75 28.38
C ASP A 133 -19.34 34.53 28.70
N VAL A 134 -18.68 33.43 29.05
CA VAL A 134 -19.37 32.18 29.38
C VAL A 134 -20.29 32.32 30.58
N SER A 135 -20.15 33.40 31.36
CA SER A 135 -21.04 33.63 32.48
C SER A 135 -22.47 33.90 32.01
N GLU A 136 -22.62 34.43 30.79
CA GLU A 136 -23.92 34.73 30.22
C GLU A 136 -24.45 33.60 29.34
N LEU A 137 -23.89 32.39 29.47
CA LEU A 137 -24.26 31.29 28.60
C LEU A 137 -25.73 30.90 28.79
N GLU A 138 -26.14 30.64 30.04
CA GLU A 138 -27.52 30.24 30.30
C GLU A 138 -28.49 31.34 29.90
N LYS A 139 -28.16 32.59 30.23
CA LYS A 139 -29.04 33.69 29.87
C LYS A 139 -29.19 33.80 28.36
N PHE A 140 -28.08 33.68 27.62
CA PHE A 140 -28.14 33.78 26.18
C PHE A 140 -28.91 32.61 25.57
N VAL A 141 -28.71 31.40 26.09
CA VAL A 141 -29.38 30.22 25.53
C VAL A 141 -30.89 30.32 25.74
N GLU A 142 -31.32 30.73 26.94
CA GLU A 142 -32.74 30.83 27.22
C GLU A 142 -33.38 31.97 26.44
N GLU A 143 -32.68 33.10 26.33
CA GLU A 143 -33.27 34.27 25.69
C GLU A 143 -33.45 34.05 24.19
N HIS A 144 -32.49 33.40 23.54
CA HIS A 144 -32.52 33.21 22.09
C HIS A 144 -33.06 31.85 21.67
N GLY A 145 -33.36 30.96 22.62
CA GLY A 145 -33.89 29.66 22.27
C GLY A 145 -32.93 28.79 21.49
N VAL A 146 -31.65 28.77 21.90
CA VAL A 146 -30.64 27.99 21.20
C VAL A 146 -30.94 26.51 21.36
N GLU A 147 -30.94 25.78 20.25
CA GLU A 147 -31.28 24.36 20.30
C GLU A 147 -30.06 23.45 20.44
N ILE A 148 -28.94 23.82 19.82
CA ILE A 148 -27.76 22.96 19.82
C ILE A 148 -26.58 23.74 20.39
N GLY A 149 -25.91 23.14 21.36
CA GLY A 149 -24.68 23.69 21.90
C GLY A 149 -23.49 22.86 21.44
N VAL A 150 -22.48 23.55 20.93
CA VAL A 150 -21.25 22.92 20.45
C VAL A 150 -20.19 23.12 21.52
N ILE A 151 -19.81 22.05 22.20
CA ILE A 151 -18.86 22.12 23.31
C ILE A 151 -17.45 21.99 22.75
N ALA A 152 -16.70 23.08 22.75
CA ALA A 152 -15.32 23.11 22.33
C ALA A 152 -14.40 23.55 23.47
N VAL A 153 -14.75 23.14 24.69
CA VAL A 153 -14.01 23.48 25.90
C VAL A 153 -13.19 22.25 26.32
N PRO A 154 -12.26 22.37 27.26
CA PRO A 154 -11.48 21.20 27.67
C PRO A 154 -12.36 20.10 28.27
N ALA A 155 -11.77 18.91 28.36
CA ALA A 155 -12.53 17.75 28.83
C ALA A 155 -12.93 17.90 30.29
N GLU A 156 -12.12 18.58 31.11
CA GLU A 156 -12.47 18.74 32.51
C GLU A 156 -13.71 19.61 32.69
N HIS A 157 -13.85 20.66 31.88
CA HIS A 157 -14.98 21.57 31.96
C HIS A 157 -16.15 21.14 31.08
N ALA A 158 -16.01 20.05 30.35
CA ALA A 158 -17.04 19.67 29.38
C ALA A 158 -18.34 19.29 30.08
N GLN A 159 -18.26 18.49 31.14
CA GLN A 159 -19.47 18.06 31.83
C GLN A 159 -20.19 19.24 32.46
N GLU A 160 -19.43 20.16 33.06
CA GLU A 160 -20.04 21.37 33.61
C GLU A 160 -20.69 22.20 32.51
N ILE A 161 -19.95 22.50 31.44
CA ILE A 161 -20.51 23.26 30.32
C ILE A 161 -21.74 22.57 29.78
N ALA A 162 -21.71 21.24 29.70
CA ALA A 162 -22.88 20.50 29.23
C ALA A 162 -24.05 20.66 30.19
N GLU A 163 -23.78 20.63 31.49
CA GLU A 163 -24.85 20.83 32.47
C GLU A 163 -25.45 22.23 32.35
N ARG A 164 -24.61 23.24 32.10
CA ARG A 164 -25.11 24.59 31.92
C ARG A 164 -26.06 24.67 30.73
N LEU A 165 -25.68 24.05 29.61
CA LEU A 165 -26.54 24.06 28.43
C LEU A 165 -27.84 23.32 28.68
N GLU A 166 -27.77 22.18 29.38
CA GLU A 166 -28.98 21.41 29.69
C GLU A 166 -29.91 22.19 30.62
N LYS A 167 -29.35 22.83 31.65
CA LYS A 167 -30.17 23.62 32.55
C LYS A 167 -30.83 24.79 31.81
N ALA A 168 -30.13 25.37 30.84
CA ALA A 168 -30.66 26.50 30.08
C ALA A 168 -31.63 26.08 28.99
N GLY A 169 -31.94 24.79 28.86
CA GLY A 169 -32.90 24.34 27.87
C GLY A 169 -32.34 24.01 26.50
N ILE A 170 -31.07 23.60 26.41
CA ILE A 170 -30.54 23.18 25.11
C ILE A 170 -31.22 21.87 24.71
N LYS A 171 -31.46 21.73 23.39
CA LYS A 171 -32.09 20.53 22.84
C LYS A 171 -31.08 19.46 22.46
N GLY A 172 -29.87 19.83 22.07
CA GLY A 172 -28.87 18.84 21.72
C GLY A 172 -27.47 19.41 21.86
N ILE A 173 -26.50 18.51 21.93
CA ILE A 173 -25.11 18.90 22.15
C ILE A 173 -24.22 18.19 21.13
N LEU A 174 -23.39 18.97 20.44
CA LEU A 174 -22.31 18.46 19.61
C LEU A 174 -21.03 18.66 20.40
N ASN A 175 -20.44 17.56 20.85
CA ASN A 175 -19.36 17.58 21.83
C ASN A 175 -18.05 17.22 21.16
N PHE A 176 -17.08 18.14 21.22
CA PHE A 176 -15.73 17.87 20.71
C PHE A 176 -14.77 17.42 21.80
N ALA A 177 -15.17 17.48 23.06
CA ALA A 177 -14.27 17.19 24.16
C ALA A 177 -14.19 15.68 24.40
N PRO A 178 -13.00 15.15 24.62
CA PRO A 178 -12.84 13.68 24.76
C PRO A 178 -13.33 13.15 26.10
N VAL A 179 -14.64 13.17 26.31
CA VAL A 179 -15.23 12.69 27.54
C VAL A 179 -16.68 12.34 27.28
N LYS A 180 -17.15 11.27 27.91
CA LYS A 180 -18.54 10.85 27.76
C LYS A 180 -19.42 11.80 28.56
N ILE A 181 -20.06 12.74 27.87
CA ILE A 181 -20.96 13.69 28.52
C ILE A 181 -22.16 12.95 29.10
N LYS A 182 -22.41 13.16 30.39
CA LYS A 182 -23.58 12.60 31.06
C LYS A 182 -24.64 13.69 31.14
N VAL A 183 -25.73 13.49 30.40
CA VAL A 183 -26.78 14.50 30.26
C VAL A 183 -28.04 13.85 29.69
N SER A 184 -29.16 14.57 29.73
CA SER A 184 -30.42 13.99 29.29
C SER A 184 -30.66 14.18 27.80
N VAL A 185 -30.18 15.27 27.22
CA VAL A 185 -30.42 15.57 25.80
C VAL A 185 -29.53 14.71 24.93
N PRO A 186 -29.87 14.53 23.65
CA PRO A 186 -28.98 13.78 22.75
C PRO A 186 -27.64 14.47 22.58
N VAL A 187 -26.57 13.67 22.57
CA VAL A 187 -25.22 14.16 22.37
C VAL A 187 -24.63 13.42 21.19
N GLU A 188 -23.99 14.16 20.29
CA GLU A 188 -23.17 13.60 19.22
C GLU A 188 -21.74 14.05 19.47
N ASN A 189 -20.84 13.08 19.59
CA ASN A 189 -19.45 13.35 19.90
C ASN A 189 -18.62 13.35 18.63
N ILE A 190 -17.80 14.39 18.47
CA ILE A 190 -16.73 14.38 17.50
C ILE A 190 -15.42 14.34 18.27
N ASP A 191 -14.88 13.15 18.45
CA ASP A 191 -13.62 12.95 19.15
C ASP A 191 -12.55 12.68 18.10
N ILE A 192 -11.77 13.71 17.79
CA ILE A 192 -10.74 13.60 16.76
C ILE A 192 -9.71 12.54 17.14
N THR A 193 -9.27 12.55 18.39
CA THR A 193 -8.30 11.56 18.84
C THR A 193 -8.86 10.15 18.76
N ALA A 194 -10.12 9.96 19.21
CA ALA A 194 -10.74 8.64 19.11
C ALA A 194 -10.87 8.20 17.67
N SER A 195 -11.24 9.11 16.78
CA SER A 195 -11.32 8.80 15.36
C SER A 195 -9.96 8.40 14.80
N LEU A 196 -8.91 9.10 15.24
CA LEU A 196 -7.55 8.68 14.89
C LEU A 196 -7.25 7.30 15.48
N ARG A 197 -7.70 7.05 16.71
CA ARG A 197 -7.49 5.75 17.33
C ARG A 197 -8.21 4.65 16.56
N VAL A 198 -9.47 4.88 16.21
CA VAL A 198 -10.23 3.91 15.41
C VAL A 198 -9.50 3.64 14.10
N LEU A 199 -8.99 4.68 13.45
CA LEU A 199 -8.23 4.51 12.22
C LEU A 199 -7.01 3.61 12.45
N THR A 200 -6.27 3.86 13.52
CA THR A 200 -5.08 3.06 13.79
C THR A 200 -5.44 1.59 13.98
N PHE A 201 -6.53 1.30 14.68
CA PHE A 201 -6.97 -0.08 14.85
C PHE A 201 -7.12 -0.76 13.49
N GLU A 202 -7.81 -0.10 12.56
CA GLU A 202 -7.95 -0.67 11.22
C GLU A 202 -6.61 -0.76 10.51
N ILE A 203 -5.71 0.21 10.74
CA ILE A 203 -4.38 0.13 10.13
C ILE A 203 -3.63 -1.09 10.65
N VAL A 204 -3.70 -1.32 11.96
CA VAL A 204 -3.03 -2.46 12.56
C VAL A 204 -3.63 -3.76 12.05
N ARG A 205 -4.95 -3.81 11.93
CA ARG A 205 -5.61 -5.02 11.43
C ARG A 205 -5.16 -5.37 10.03
N ARG A 206 -5.13 -4.37 9.13
CA ARG A 206 -4.81 -4.66 7.73
C ARG A 206 -3.36 -5.10 7.57
N ASN A 207 -2.44 -4.43 8.25
CA ASN A 207 -1.02 -4.77 8.19
C ASN A 207 -0.63 -5.84 9.20
N SER A 208 -1.58 -6.66 9.64
CA SER A 208 -1.29 -7.80 10.50
C SER A 208 -1.38 -9.08 9.70
N LYS B 4 -0.04 -22.56 19.66
CA LYS B 4 -1.34 -23.22 19.73
C LYS B 4 -2.46 -22.21 19.99
N ILE B 5 -2.37 -21.51 21.13
CA ILE B 5 -3.35 -20.49 21.50
C ILE B 5 -3.33 -19.37 20.47
N PRO B 6 -4.40 -19.19 19.69
CA PRO B 6 -4.37 -18.19 18.61
C PRO B 6 -4.58 -16.77 19.14
N LYS B 7 -4.06 -15.82 18.38
CA LYS B 7 -4.28 -14.41 18.70
C LYS B 7 -5.75 -14.06 18.44
N PRO B 8 -6.45 -13.47 19.40
CA PRO B 8 -7.84 -13.08 19.15
C PRO B 8 -7.91 -12.06 18.02
N VAL B 9 -8.94 -12.21 17.18
CA VAL B 9 -9.08 -11.35 16.01
C VAL B 9 -9.17 -9.88 16.45
N SER B 10 -8.81 -9.00 15.51
CA SER B 10 -8.75 -7.56 15.81
C SER B 10 -10.08 -7.04 16.32
N LYS B 11 -11.19 -7.45 15.69
CA LYS B 11 -12.50 -6.93 16.07
C LYS B 11 -12.79 -7.21 17.54
N ARG B 12 -12.44 -8.40 18.04
CA ARG B 12 -12.72 -8.64 19.44
C ARG B 12 -11.63 -8.07 20.35
N LEU B 13 -10.39 -7.98 19.86
CA LEU B 13 -9.38 -7.24 20.61
C LEU B 13 -9.86 -5.82 20.91
N VAL B 14 -10.36 -5.12 19.89
CA VAL B 14 -10.88 -3.77 20.10
C VAL B 14 -12.01 -3.77 21.11
N SER B 15 -12.90 -4.77 21.05
CA SER B 15 -14.00 -4.85 22.01
C SER B 15 -13.48 -5.01 23.42
N TYR B 16 -12.52 -5.92 23.63
CA TYR B 16 -11.90 -6.05 24.95
C TYR B 16 -11.28 -4.74 25.39
N TYR B 17 -10.58 -4.05 24.48
CA TYR B 17 -9.87 -2.84 24.84
C TYR B 17 -10.81 -1.78 25.37
N MET B 18 -11.91 -1.53 24.64
CA MET B 18 -12.86 -0.50 25.08
C MET B 18 -13.56 -0.92 26.37
N CYS B 19 -13.89 -2.21 26.49
CA CYS B 19 -14.47 -2.70 27.75
C CYS B 19 -13.47 -2.55 28.89
N LEU B 20 -12.21 -2.93 28.66
CA LEU B 20 -11.18 -2.77 29.68
C LEU B 20 -10.96 -1.30 30.03
N GLU B 21 -11.12 -0.42 29.04
CA GLU B 21 -11.02 1.01 29.31
C GLU B 21 -12.13 1.47 30.25
N ARG B 22 -13.36 1.05 29.99
CA ARG B 22 -14.47 1.40 30.87
C ARG B 22 -14.24 0.85 32.28
N LEU B 23 -13.73 -0.37 32.38
CA LEU B 23 -13.48 -0.96 33.70
C LEU B 23 -12.49 -0.12 34.50
N LEU B 24 -11.42 0.34 33.87
CA LEU B 24 -10.45 1.18 34.56
C LEU B 24 -11.07 2.49 35.00
N ASP B 25 -11.92 3.08 34.16
CA ASP B 25 -12.62 4.31 34.55
C ASP B 25 -13.53 4.07 35.74
N GLU B 26 -14.10 2.87 35.85
CA GLU B 26 -14.91 2.51 37.00
C GLU B 26 -14.08 2.14 38.22
N GLY B 27 -12.76 2.03 38.08
CA GLY B 27 -11.92 1.65 39.19
C GLY B 27 -11.79 0.16 39.41
N VAL B 28 -12.17 -0.67 38.44
CA VAL B 28 -12.10 -2.12 38.60
C VAL B 28 -10.68 -2.58 38.29
N GLU B 29 -10.04 -3.25 39.25
CA GLU B 29 -8.69 -3.77 39.03
C GLU B 29 -8.69 -5.20 38.53
N VAL B 30 -9.63 -6.00 39.02
CA VAL B 30 -9.77 -7.41 38.67
C VAL B 30 -11.16 -7.64 38.13
N VAL B 31 -11.26 -8.29 36.98
CA VAL B 31 -12.55 -8.62 36.37
C VAL B 31 -12.56 -10.11 36.06
N SER B 32 -13.76 -10.70 36.14
CA SER B 32 -13.92 -12.13 35.91
C SER B 32 -14.29 -12.39 34.45
N SER B 33 -14.12 -13.65 34.04
CA SER B 33 -14.58 -14.06 32.72
C SER B 33 -16.08 -13.86 32.57
N GLU B 34 -16.85 -14.10 33.64
CA GLU B 34 -18.30 -13.97 33.55
C GLU B 34 -18.73 -12.51 33.42
N GLU B 35 -18.05 -11.61 34.12
CA GLU B 35 -18.39 -10.20 33.98
C GLU B 35 -18.09 -9.71 32.58
N LEU B 36 -16.94 -10.10 32.02
CA LEU B 36 -16.65 -9.74 30.64
C LEU B 36 -17.61 -10.41 29.68
N ALA B 37 -17.95 -11.69 29.93
CA ALA B 37 -18.98 -12.34 29.14
C ALA B 37 -20.27 -11.55 29.15
N ARG B 38 -20.65 -11.03 30.32
CA ARG B 38 -21.87 -10.24 30.44
C ARG B 38 -21.75 -8.92 29.70
N ARG B 39 -20.62 -8.22 29.87
CA ARG B 39 -20.52 -6.88 29.31
C ARG B 39 -20.29 -6.91 27.81
N LEU B 40 -19.70 -7.99 27.29
CA LEU B 40 -19.38 -8.12 25.88
C LEU B 40 -20.30 -9.08 25.13
N ASP B 41 -21.26 -9.72 25.81
CA ASP B 41 -22.23 -10.61 25.18
C ASP B 41 -21.51 -11.74 24.42
N LEU B 42 -20.61 -12.41 25.11
CA LEU B 42 -19.86 -13.52 24.57
C LEU B 42 -19.93 -14.70 25.52
N LYS B 43 -19.66 -15.88 25.00
CA LYS B 43 -19.62 -17.06 25.84
C LYS B 43 -18.45 -16.96 26.81
N ALA B 44 -18.73 -17.21 28.09
CA ALA B 44 -17.68 -17.24 29.10
C ALA B 44 -16.54 -18.16 28.68
N SER B 45 -16.87 -19.30 28.07
CA SER B 45 -15.82 -20.16 27.50
C SER B 45 -14.96 -19.39 26.51
N GLN B 46 -15.59 -18.54 25.69
CA GLN B 46 -14.85 -17.83 24.65
C GLN B 46 -13.95 -16.76 25.25
N ILE B 47 -14.43 -16.08 26.29
CA ILE B 47 -13.62 -15.08 27.00
C ILE B 47 -12.32 -15.71 27.48
N ARG B 48 -12.41 -16.91 28.07
CA ARG B 48 -11.21 -17.54 28.61
C ARG B 48 -10.29 -18.03 27.50
N LYS B 49 -10.85 -18.51 26.39
CA LYS B 49 -10.01 -18.91 25.26
C LYS B 49 -9.29 -17.70 24.67
N ASP B 50 -10.00 -16.59 24.52
CA ASP B 50 -9.38 -15.36 24.00
C ASP B 50 -8.29 -14.85 24.92
N LEU B 51 -8.61 -14.69 26.21
CA LEU B 51 -7.65 -14.05 27.11
C LEU B 51 -6.49 -14.97 27.46
N SER B 52 -6.64 -16.28 27.28
CA SER B 52 -5.52 -17.19 27.50
C SER B 52 -4.32 -16.85 26.61
N TYR B 53 -4.55 -16.08 25.55
CA TYR B 53 -3.46 -15.61 24.69
C TYR B 53 -2.42 -14.80 25.48
N PHE B 54 -2.84 -14.14 26.56
CA PHE B 54 -1.96 -13.31 27.36
C PHE B 54 -1.39 -14.03 28.57
N GLY B 55 -1.63 -15.33 28.68
CA GLY B 55 -1.07 -16.17 29.71
C GLY B 55 -1.40 -15.69 31.12
N GLU B 56 -0.52 -16.07 32.06
CA GLU B 56 -0.70 -15.67 33.45
C GLU B 56 -0.62 -14.16 33.60
N PHE B 57 0.09 -13.48 32.70
CA PHE B 57 0.21 -12.03 32.75
C PHE B 57 -1.15 -11.34 32.69
N GLY B 58 -2.12 -11.95 31.99
CA GLY B 58 -3.46 -11.40 31.94
C GLY B 58 -4.31 -11.65 33.16
N LYS B 59 -3.84 -12.45 34.11
CA LYS B 59 -4.66 -12.89 35.23
C LYS B 59 -4.13 -12.37 36.55
N ARG B 60 -5.05 -12.09 37.46
CA ARG B 60 -4.71 -11.69 38.83
C ARG B 60 -5.72 -12.32 39.77
N GLY B 61 -5.29 -13.27 40.57
CA GLY B 61 -6.16 -13.85 41.57
C GLY B 61 -7.25 -14.70 40.95
N VAL B 62 -8.50 -14.32 41.22
CA VAL B 62 -9.64 -15.09 40.72
C VAL B 62 -10.14 -14.59 39.38
N GLY B 63 -9.54 -13.55 38.81
CA GLY B 63 -10.02 -12.98 37.58
C GLY B 63 -8.89 -12.48 36.71
N TYR B 64 -9.15 -11.44 35.93
CA TYR B 64 -8.16 -10.91 35.00
C TYR B 64 -7.65 -9.57 35.49
N ASN B 65 -6.36 -9.35 35.32
CA ASN B 65 -5.74 -8.07 35.65
C ASN B 65 -6.14 -7.06 34.59
N VAL B 66 -7.03 -6.13 34.94
CA VAL B 66 -7.54 -5.16 33.97
C VAL B 66 -6.40 -4.30 33.42
N GLU B 67 -5.47 -3.88 34.28
CA GLU B 67 -4.40 -3.01 33.83
C GLU B 67 -3.49 -3.74 32.84
N HIS B 68 -3.04 -4.95 33.20
CA HIS B 68 -2.21 -5.74 32.30
C HIS B 68 -2.90 -5.97 30.96
N LEU B 69 -4.18 -6.30 30.98
CA LEU B 69 -4.86 -6.61 29.74
C LEU B 69 -5.05 -5.36 28.89
N TYR B 70 -5.42 -4.25 29.52
CA TYR B 70 -5.56 -2.99 28.80
C TYR B 70 -4.26 -2.59 28.13
N ASP B 71 -3.13 -2.73 28.82
CA ASP B 71 -1.87 -2.31 28.23
C ASP B 71 -1.36 -3.33 27.21
N ALA B 72 -1.56 -4.63 27.46
CA ALA B 72 -1.12 -5.62 26.48
C ALA B 72 -1.98 -5.56 25.21
N ILE B 73 -3.29 -5.37 25.36
CA ILE B 73 -4.13 -5.26 24.18
C ILE B 73 -3.88 -3.94 23.46
N GLY B 74 -3.71 -2.85 24.23
CA GLY B 74 -3.36 -1.59 23.62
C GLY B 74 -2.04 -1.66 22.86
N GLU B 75 -1.06 -2.35 23.43
CA GLU B 75 0.20 -2.57 22.73
C GLU B 75 -0.02 -3.29 21.40
N ILE B 76 -0.90 -4.29 21.38
CA ILE B 76 -1.20 -5.02 20.15
C ILE B 76 -1.89 -4.10 19.14
N LEU B 77 -2.71 -3.18 19.63
CA LEU B 77 -3.50 -2.28 18.79
C LEU B 77 -2.76 -0.99 18.44
N GLY B 78 -1.47 -0.89 18.77
CA GLY B 78 -0.69 0.27 18.42
C GLY B 78 -0.89 1.49 19.29
N VAL B 79 -1.41 1.32 20.51
CA VAL B 79 -1.65 2.46 21.40
C VAL B 79 -0.34 3.00 21.97
N LYS B 80 0.67 2.15 22.14
CA LYS B 80 1.96 2.60 22.65
C LYS B 80 2.86 3.16 21.55
N LYS B 81 2.46 3.01 20.29
CA LYS B 81 3.22 3.49 19.15
C LYS B 81 2.84 4.94 18.86
N GLU B 82 3.84 5.80 18.73
CA GLU B 82 3.60 7.21 18.42
C GLU B 82 3.42 7.36 16.91
N TRP B 83 2.19 7.58 16.48
CA TRP B 83 1.87 7.63 15.06
C TRP B 83 2.28 8.96 14.46
N LYS B 84 2.91 8.92 13.29
CA LYS B 84 3.31 10.13 12.60
C LYS B 84 2.19 10.56 11.66
N LEU B 85 1.83 11.84 11.74
CA LEU B 85 0.77 12.39 10.93
C LEU B 85 1.30 13.54 10.09
N VAL B 86 0.74 13.70 8.91
CA VAL B 86 0.82 14.95 8.17
C VAL B 86 -0.59 15.45 7.97
N VAL B 87 -0.72 16.77 7.89
CA VAL B 87 -1.98 17.43 7.59
C VAL B 87 -1.85 18.10 6.23
N VAL B 88 -2.79 17.80 5.35
CA VAL B 88 -2.87 18.48 4.06
C VAL B 88 -4.02 19.47 4.14
N GLY B 89 -3.72 20.75 3.89
CA GLY B 89 -4.70 21.79 4.03
C GLY B 89 -4.51 22.56 5.32
N ALA B 90 -3.99 23.77 5.22
CA ALA B 90 -3.66 24.59 6.39
C ALA B 90 -4.67 25.70 6.59
N GLY B 91 -5.95 25.34 6.64
CA GLY B 91 -7.01 26.30 6.92
C GLY B 91 -7.56 26.14 8.31
N ASN B 92 -8.87 26.39 8.48
CA ASN B 92 -9.48 26.33 9.81
C ASN B 92 -9.29 24.98 10.45
N ILE B 93 -9.59 23.90 9.72
CA ILE B 93 -9.47 22.56 10.28
C ILE B 93 -8.00 22.20 10.49
N GLY B 94 -7.20 22.36 9.43
CA GLY B 94 -5.80 21.95 9.51
C GLY B 94 -5.04 22.68 10.61
N ARG B 95 -5.23 24.00 10.70
CA ARG B 95 -4.55 24.75 11.76
C ARG B 95 -5.04 24.34 13.14
N ALA B 96 -6.35 24.11 13.28
CA ALA B 96 -6.88 23.69 14.57
C ALA B 96 -6.35 22.32 14.95
N VAL B 97 -6.26 21.40 13.99
CA VAL B 97 -5.68 20.10 14.28
C VAL B 97 -4.19 20.24 14.58
N ALA B 98 -3.47 21.03 13.78
CA ALA B 98 -2.05 21.25 14.02
C ALA B 98 -1.80 21.92 15.36
N ASN B 99 -2.73 22.73 15.83
CA ASN B 99 -2.56 23.43 17.09
C ASN B 99 -3.09 22.64 18.28
N TYR B 100 -3.70 21.48 18.05
CA TYR B 100 -4.21 20.70 19.17
C TYR B 100 -3.07 20.28 20.06
N THR B 101 -3.07 20.80 21.30
CA THR B 101 -1.88 20.78 22.14
C THR B 101 -1.45 19.36 22.46
N VAL B 102 -2.30 18.62 23.16
CA VAL B 102 -1.92 17.37 23.83
C VAL B 102 -2.09 16.13 22.95
N MET B 103 -2.22 16.29 21.64
CA MET B 103 -2.37 15.10 20.78
C MET B 103 -1.12 14.24 20.80
N LYS B 104 0.06 14.87 20.93
CA LYS B 104 1.28 14.09 21.06
C LYS B 104 1.25 13.23 22.32
N GLU B 105 0.72 13.78 23.41
CA GLU B 105 0.60 13.01 24.64
C GLU B 105 -0.34 11.82 24.45
N LYS B 106 -1.38 11.98 23.61
CA LYS B 106 -2.26 10.87 23.31
C LYS B 106 -1.66 9.88 22.32
N GLY B 107 -0.55 10.23 21.67
CA GLY B 107 0.16 9.31 20.79
C GLY B 107 0.15 9.67 19.32
N PHE B 108 -0.24 10.89 18.95
CA PHE B 108 -0.29 11.31 17.56
C PHE B 108 0.51 12.59 17.40
N ARG B 109 1.53 12.56 16.55
CA ARG B 109 2.44 13.68 16.35
C ARG B 109 2.39 14.11 14.89
N ILE B 110 1.93 15.34 14.66
CA ILE B 110 1.97 15.95 13.33
C ILE B 110 3.38 16.47 13.09
N ILE B 111 4.05 15.90 12.10
CA ILE B 111 5.41 16.33 11.76
C ILE B 111 5.46 17.15 10.48
N GLY B 112 4.32 17.45 9.89
CA GLY B 112 4.30 18.28 8.69
C GLY B 112 2.90 18.70 8.31
N ILE B 113 2.76 19.91 7.80
CA ILE B 113 1.48 20.43 7.33
C ILE B 113 1.69 21.12 5.98
N PHE B 114 0.80 20.85 5.04
CA PHE B 114 1.00 21.22 3.65
C PHE B 114 -0.19 22.01 3.13
N ASP B 115 0.08 22.85 2.13
CA ASP B 115 -0.95 23.67 1.51
C ASP B 115 -0.48 24.04 0.12
N SER B 116 -1.45 24.41 -0.73
CA SER B 116 -1.17 24.88 -2.08
C SER B 116 -1.16 26.41 -2.19
N ASP B 117 -1.65 27.11 -1.17
CA ASP B 117 -1.71 28.56 -1.20
C ASP B 117 -0.32 29.15 -0.96
N PRO B 118 0.25 29.90 -1.92
CA PRO B 118 1.58 30.49 -1.68
C PRO B 118 1.59 31.52 -0.57
N SER B 119 0.44 32.09 -0.23
CA SER B 119 0.37 33.03 0.89
C SER B 119 0.46 32.31 2.23
N LYS B 120 0.12 31.02 2.27
CA LYS B 120 0.23 30.26 3.51
C LYS B 120 1.54 29.52 3.62
N ILE B 121 2.06 29.03 2.50
CA ILE B 121 3.31 28.25 2.51
C ILE B 121 4.42 29.08 3.14
N GLY B 122 5.14 28.48 4.08
CA GLY B 122 6.24 29.14 4.74
C GLY B 122 5.87 29.85 6.03
N LYS B 123 4.59 30.08 6.26
CA LYS B 123 4.16 30.62 7.54
C LYS B 123 3.95 29.47 8.54
N GLU B 124 3.83 29.84 9.80
CA GLU B 124 3.60 28.86 10.85
C GLU B 124 2.10 28.58 10.97
N ALA B 125 1.71 27.34 10.68
CA ALA B 125 0.36 26.91 10.99
C ALA B 125 0.17 26.74 12.50
N ALA B 126 1.24 26.39 13.18
CA ALA B 126 1.25 26.20 14.62
C ALA B 126 2.67 26.47 15.11
N PRO B 127 2.83 26.85 16.38
CA PRO B 127 4.18 27.09 16.91
C PRO B 127 5.12 25.92 16.66
N GLY B 128 6.20 26.18 15.93
CA GLY B 128 7.17 25.17 15.58
C GLY B 128 6.84 24.36 14.36
N LEU B 129 5.73 24.65 13.68
CA LEU B 129 5.31 23.87 12.52
C LEU B 129 5.16 24.83 11.34
N THR B 130 5.91 24.57 10.27
CA THR B 130 5.92 25.42 9.10
C THR B 130 5.03 24.81 8.02
N VAL B 131 4.18 25.63 7.41
CA VAL B 131 3.38 25.20 6.27
C VAL B 131 4.32 24.92 5.10
N SER B 132 4.39 23.66 4.69
CA SER B 132 5.20 23.23 3.55
C SER B 132 4.39 23.30 2.26
N ASP B 133 5.11 23.41 1.15
CA ASP B 133 4.49 23.32 -0.16
C ASP B 133 4.02 21.90 -0.42
N VAL B 134 2.72 21.75 -0.70
CA VAL B 134 2.12 20.46 -1.02
C VAL B 134 2.80 19.76 -2.19
N SER B 135 3.65 20.47 -2.94
CA SER B 135 4.41 19.84 -4.01
C SER B 135 5.35 18.76 -3.48
N GLU B 136 5.83 18.91 -2.25
CA GLU B 136 6.74 17.96 -1.62
C GLU B 136 6.00 16.91 -0.78
N LEU B 137 4.67 16.83 -0.90
CA LEU B 137 3.90 15.97 0.00
C LEU B 137 4.37 14.51 -0.09
N GLU B 138 4.45 13.97 -1.30
CA GLU B 138 4.85 12.57 -1.45
C GLU B 138 6.26 12.33 -0.95
N LYS B 139 7.19 13.24 -1.28
CA LYS B 139 8.57 13.03 -0.85
C LYS B 139 8.69 13.07 0.66
N PHE B 140 7.96 14.00 1.30
CA PHE B 140 8.00 14.08 2.76
C PHE B 140 7.43 12.81 3.39
N VAL B 141 6.31 12.31 2.87
CA VAL B 141 5.68 11.12 3.43
C VAL B 141 6.61 9.91 3.31
N GLU B 142 7.21 9.74 2.13
CA GLU B 142 8.15 8.64 1.91
C GLU B 142 9.40 8.78 2.77
N GLU B 143 9.96 9.99 2.86
CA GLU B 143 11.21 10.15 3.58
C GLU B 143 11.03 9.90 5.08
N HIS B 144 9.94 10.39 5.65
CA HIS B 144 9.70 10.28 7.08
C HIS B 144 8.82 9.10 7.48
N GLY B 145 8.38 8.30 6.51
CA GLY B 145 7.56 7.15 6.80
C GLY B 145 6.26 7.53 7.49
N VAL B 146 5.58 8.54 6.94
CA VAL B 146 4.36 9.04 7.55
C VAL B 146 3.26 7.99 7.41
N GLU B 147 2.54 7.75 8.50
CA GLU B 147 1.52 6.71 8.52
C GLU B 147 0.14 7.25 8.21
N ILE B 148 -0.27 8.33 8.88
CA ILE B 148 -1.64 8.84 8.80
C ILE B 148 -1.59 10.19 8.09
N GLY B 149 -2.42 10.35 7.06
CA GLY B 149 -2.65 11.62 6.42
C GLY B 149 -4.00 12.19 6.83
N VAL B 150 -3.99 13.41 7.33
CA VAL B 150 -5.21 14.14 7.70
C VAL B 150 -5.56 15.05 6.54
N ILE B 151 -6.71 14.79 5.90
CA ILE B 151 -7.15 15.60 4.76
C ILE B 151 -8.04 16.71 5.28
N ALA B 152 -7.54 17.94 5.20
CA ALA B 152 -8.28 19.13 5.63
C ALA B 152 -8.39 20.14 4.51
N VAL B 153 -8.48 19.63 3.28
CA VAL B 153 -8.62 20.46 2.07
C VAL B 153 -10.10 20.46 1.67
N PRO B 154 -10.54 21.38 0.80
CA PRO B 154 -11.92 21.33 0.33
C PRO B 154 -12.22 20.02 -0.37
N ALA B 155 -13.51 19.67 -0.39
CA ALA B 155 -13.94 18.38 -0.90
C ALA B 155 -13.50 18.16 -2.34
N GLU B 156 -13.57 19.20 -3.17
CA GLU B 156 -13.25 19.09 -4.59
C GLU B 156 -11.80 18.64 -4.82
N HIS B 157 -10.93 18.78 -3.84
CA HIS B 157 -9.54 18.35 -3.99
C HIS B 157 -9.19 17.20 -3.05
N ALA B 158 -10.17 16.63 -2.35
CA ALA B 158 -9.89 15.64 -1.32
C ALA B 158 -9.47 14.31 -1.91
N GLN B 159 -10.16 13.84 -2.96
CA GLN B 159 -9.77 12.59 -3.61
C GLN B 159 -8.36 12.69 -4.18
N GLU B 160 -8.05 13.81 -4.83
CA GLU B 160 -6.73 14.02 -5.40
C GLU B 160 -5.65 13.92 -4.34
N ILE B 161 -5.86 14.58 -3.20
CA ILE B 161 -4.89 14.53 -2.11
C ILE B 161 -4.75 13.09 -1.60
N ALA B 162 -5.86 12.38 -1.49
CA ALA B 162 -5.82 11.02 -0.94
C ALA B 162 -5.01 10.09 -1.82
N GLU B 163 -5.17 10.20 -3.13
CA GLU B 163 -4.38 9.38 -4.06
C GLU B 163 -2.90 9.70 -3.95
N ARG B 164 -2.55 10.97 -3.77
CA ARG B 164 -1.14 11.30 -3.58
C ARG B 164 -0.60 10.71 -2.29
N LEU B 165 -1.35 10.84 -1.19
CA LEU B 165 -0.96 10.20 0.05
C LEU B 165 -0.82 8.69 -0.12
N GLU B 166 -1.82 8.08 -0.78
CA GLU B 166 -1.79 6.65 -1.06
C GLU B 166 -0.54 6.26 -1.82
N LYS B 167 -0.26 6.96 -2.94
CA LYS B 167 0.93 6.70 -3.73
C LYS B 167 2.20 6.84 -2.91
N ALA B 168 2.23 7.76 -1.96
CA ALA B 168 3.43 7.96 -1.15
C ALA B 168 3.57 6.92 -0.04
N GLY B 169 2.70 5.91 -0.02
CA GLY B 169 2.78 4.88 1.01
C GLY B 169 2.13 5.25 2.33
N ILE B 170 1.11 6.11 2.32
CA ILE B 170 0.41 6.43 3.55
C ILE B 170 -0.33 5.20 4.05
N LYS B 171 -0.37 5.02 5.37
CA LYS B 171 -1.03 3.84 5.93
C LYS B 171 -2.52 4.06 6.17
N GLY B 172 -2.94 5.28 6.47
CA GLY B 172 -4.34 5.54 6.73
C GLY B 172 -4.63 7.02 6.58
N ILE B 173 -5.91 7.34 6.45
CA ILE B 173 -6.35 8.70 6.17
C ILE B 173 -7.48 9.07 7.12
N LEU B 174 -7.29 10.16 7.85
CA LEU B 174 -8.38 10.84 8.55
C LEU B 174 -8.87 11.96 7.64
N ASN B 175 -10.12 11.86 7.20
CA ASN B 175 -10.67 12.74 6.18
C ASN B 175 -11.72 13.65 6.80
N PHE B 176 -11.46 14.95 6.79
CA PHE B 176 -12.43 15.95 7.23
C PHE B 176 -13.32 16.44 6.10
N ALA B 177 -12.94 16.20 4.85
CA ALA B 177 -13.70 16.72 3.73
C ALA B 177 -14.97 15.89 3.53
N PRO B 178 -16.15 16.54 3.33
CA PRO B 178 -17.43 15.81 3.22
C PRO B 178 -17.57 15.08 1.88
N VAL B 179 -16.72 14.06 1.67
CA VAL B 179 -16.76 13.24 0.47
C VAL B 179 -16.31 11.84 0.83
N LYS B 180 -16.75 10.88 0.03
CA LYS B 180 -16.30 9.50 0.16
C LYS B 180 -15.00 9.34 -0.62
N ILE B 181 -13.95 8.89 0.08
CA ILE B 181 -12.62 8.75 -0.50
C ILE B 181 -12.45 7.31 -0.95
N LYS B 182 -11.96 7.13 -2.18
CA LYS B 182 -11.70 5.81 -2.75
C LYS B 182 -10.19 5.62 -2.88
N VAL B 183 -9.60 4.88 -1.94
CA VAL B 183 -8.18 4.54 -1.95
C VAL B 183 -8.00 3.16 -1.34
N SER B 184 -6.82 2.59 -1.53
CA SER B 184 -6.52 1.25 -1.04
C SER B 184 -6.09 1.24 0.42
N VAL B 185 -6.20 2.36 1.11
CA VAL B 185 -5.83 2.43 2.52
C VAL B 185 -7.10 2.72 3.31
N PRO B 186 -7.14 2.44 4.60
CA PRO B 186 -8.33 2.76 5.39
C PRO B 186 -8.52 4.26 5.54
N VAL B 187 -9.78 4.66 5.67
CA VAL B 187 -10.17 6.06 5.77
C VAL B 187 -11.16 6.19 6.90
N GLU B 188 -10.87 7.07 7.86
CA GLU B 188 -11.84 7.49 8.86
C GLU B 188 -12.35 8.87 8.47
N ASN B 189 -13.64 8.99 8.24
CA ASN B 189 -14.24 10.29 7.95
C ASN B 189 -14.65 10.97 9.25
N ILE B 190 -14.45 12.27 9.30
CA ILE B 190 -15.05 13.14 10.30
C ILE B 190 -15.83 14.18 9.54
N ASP B 191 -17.15 14.10 9.63
CA ASP B 191 -18.04 14.99 8.88
C ASP B 191 -18.87 15.75 9.91
N ILE B 192 -18.48 17.00 10.17
CA ILE B 192 -19.16 17.80 11.18
C ILE B 192 -20.62 18.02 10.80
N THR B 193 -20.88 18.31 9.52
CA THR B 193 -22.26 18.49 9.08
C THR B 193 -23.06 17.21 9.24
N ALA B 194 -22.49 16.07 8.82
CA ALA B 194 -23.16 14.80 9.04
C ALA B 194 -23.44 14.56 10.52
N SER B 195 -22.49 14.93 11.39
CA SER B 195 -22.71 14.74 12.82
C SER B 195 -23.83 15.66 13.33
N LEU B 196 -23.91 16.88 12.78
CA LEU B 196 -25.04 17.73 13.08
C LEU B 196 -26.35 17.13 12.61
N ARG B 197 -26.33 16.47 11.44
CA ARG B 197 -27.56 15.88 10.91
C ARG B 197 -27.99 14.66 11.73
N VAL B 198 -27.02 13.88 12.19
CA VAL B 198 -27.32 12.80 13.14
C VAL B 198 -27.93 13.37 14.40
N LEU B 199 -27.34 14.46 14.93
CA LEU B 199 -27.81 15.02 16.19
C LEU B 199 -29.23 15.55 16.08
N THR B 200 -29.51 16.30 15.02
CA THR B 200 -30.85 16.87 14.85
C THR B 200 -31.88 15.78 14.61
N PHE B 201 -31.50 14.72 13.91
CA PHE B 201 -32.43 13.60 13.74
C PHE B 201 -32.75 12.95 15.08
N GLU B 202 -31.75 12.81 15.96
CA GLU B 202 -32.03 12.24 17.27
C GLU B 202 -32.84 13.20 18.14
N ILE B 203 -32.64 14.51 17.96
CA ILE B 203 -33.44 15.50 18.67
C ILE B 203 -34.91 15.37 18.27
N VAL B 204 -35.19 15.36 16.97
CA VAL B 204 -36.56 15.22 16.51
C VAL B 204 -37.10 13.84 16.86
N ARG B 205 -36.24 12.82 16.90
CA ARG B 205 -36.69 11.47 17.20
C ARG B 205 -37.31 11.37 18.59
N ARG B 206 -36.74 12.11 19.55
CA ARG B 206 -37.22 12.05 20.93
C ARG B 206 -38.63 12.63 21.08
N ASN B 207 -39.07 13.50 20.18
CA ASN B 207 -40.40 14.07 20.26
C ASN B 207 -41.48 13.03 19.97
N LYS C 4 7.63 -8.43 -39.82
CA LYS C 4 8.32 -8.32 -41.10
C LYS C 4 9.83 -8.44 -40.92
N ILE C 5 10.39 -7.62 -40.04
CA ILE C 5 11.82 -7.68 -39.76
C ILE C 5 12.15 -8.99 -39.05
N PRO C 6 13.20 -9.70 -39.47
CA PRO C 6 13.56 -10.96 -38.81
C PRO C 6 13.85 -10.78 -37.32
N LYS C 7 13.66 -11.87 -36.57
CA LYS C 7 13.96 -11.85 -35.14
C LYS C 7 15.44 -11.62 -34.83
N PRO C 8 16.42 -12.18 -35.56
CA PRO C 8 17.83 -11.90 -35.21
C PRO C 8 18.21 -10.44 -35.36
N VAL C 9 17.83 -9.79 -36.46
CA VAL C 9 18.12 -8.36 -36.59
C VAL C 9 17.31 -7.57 -35.58
N SER C 10 16.09 -8.00 -35.29
CA SER C 10 15.28 -7.33 -34.27
C SER C 10 15.91 -7.46 -32.90
N LYS C 11 16.41 -8.65 -32.57
CA LYS C 11 17.09 -8.84 -31.29
C LYS C 11 18.35 -8.00 -31.20
N ARG C 12 19.08 -7.86 -32.32
CA ARG C 12 20.21 -6.94 -32.33
C ARG C 12 19.73 -5.51 -32.16
N LEU C 13 18.64 -5.12 -32.83
CA LEU C 13 18.13 -3.76 -32.67
C LEU C 13 17.67 -3.52 -31.23
N VAL C 14 17.08 -4.53 -30.60
CA VAL C 14 16.71 -4.42 -29.19
C VAL C 14 17.95 -4.20 -28.33
N SER C 15 18.98 -5.03 -28.54
CA SER C 15 20.21 -4.87 -27.78
C SER C 15 20.84 -3.50 -28.00
N TYR C 16 20.77 -2.99 -29.24
CA TYR C 16 21.23 -1.61 -29.47
C TYR C 16 20.41 -0.63 -28.64
N TYR C 17 19.09 -0.81 -28.64
CA TYR C 17 18.20 0.11 -27.94
C TYR C 17 18.44 0.07 -26.45
N MET C 18 18.53 -1.13 -25.87
CA MET C 18 18.78 -1.24 -24.43
C MET C 18 20.16 -0.69 -24.07
N CYS C 19 21.15 -0.91 -24.95
CA CYS C 19 22.48 -0.39 -24.69
C CYS C 19 22.52 1.13 -24.79
N LEU C 20 21.73 1.71 -25.70
CA LEU C 20 21.72 3.17 -25.82
C LEU C 20 21.08 3.83 -24.60
N GLU C 21 20.06 3.18 -24.03
CA GLU C 21 19.44 3.71 -22.82
C GLU C 21 20.45 3.82 -21.70
N ARG C 22 21.21 2.75 -21.44
CA ARG C 22 22.24 2.81 -20.41
C ARG C 22 23.29 3.86 -20.74
N LEU C 23 23.58 4.06 -22.03
CA LEU C 23 24.52 5.09 -22.42
C LEU C 23 23.97 6.48 -22.18
N LEU C 24 22.67 6.68 -22.44
CA LEU C 24 22.05 7.95 -22.11
C LEU C 24 21.94 8.14 -20.60
N ASP C 25 21.59 7.07 -19.88
CA ASP C 25 21.53 7.15 -18.42
C ASP C 25 22.91 7.43 -17.85
N GLU C 26 23.96 6.81 -18.41
CA GLU C 26 25.31 7.04 -17.92
C GLU C 26 25.81 8.44 -18.24
N GLY C 27 25.30 9.04 -19.31
CA GLY C 27 25.69 10.39 -19.70
C GLY C 27 26.48 10.51 -20.97
N VAL C 28 26.59 9.44 -21.76
CA VAL C 28 27.32 9.50 -23.03
C VAL C 28 26.41 10.09 -24.11
N GLU C 29 26.83 11.22 -24.67
CA GLU C 29 26.02 11.88 -25.69
C GLU C 29 26.21 11.29 -27.07
N VAL C 30 27.39 10.75 -27.36
CA VAL C 30 27.73 10.18 -28.66
C VAL C 30 28.49 8.88 -28.43
N VAL C 31 28.17 7.85 -29.22
CA VAL C 31 28.81 6.55 -29.11
C VAL C 31 29.24 6.07 -30.49
N SER C 32 30.37 5.36 -30.54
CA SER C 32 30.91 4.77 -31.75
C SER C 32 30.40 3.35 -31.92
N SER C 33 30.42 2.87 -33.18
CA SER C 33 30.00 1.51 -33.46
C SER C 33 30.92 0.50 -32.79
N GLU C 34 32.23 0.82 -32.73
CA GLU C 34 33.18 -0.08 -32.09
C GLU C 34 32.86 -0.25 -30.60
N GLU C 35 32.49 0.84 -29.93
CA GLU C 35 32.12 0.74 -28.52
C GLU C 35 30.83 -0.05 -28.34
N LEU C 36 29.84 0.18 -29.22
CA LEU C 36 28.63 -0.64 -29.18
C LEU C 36 28.95 -2.11 -29.33
N ALA C 37 29.89 -2.43 -30.22
CA ALA C 37 30.26 -3.82 -30.47
C ALA C 37 30.87 -4.46 -29.22
N ARG C 38 31.83 -3.78 -28.61
CA ARG C 38 32.50 -4.36 -27.44
C ARG C 38 31.58 -4.42 -26.24
N ARG C 39 30.59 -3.53 -26.16
CA ARG C 39 29.63 -3.58 -25.06
C ARG C 39 28.67 -4.74 -25.21
N LEU C 40 28.41 -5.16 -26.45
CA LEU C 40 27.39 -6.17 -26.74
C LEU C 40 27.98 -7.46 -27.28
N ASP C 41 29.31 -7.56 -27.34
CA ASP C 41 30.00 -8.71 -27.94
C ASP C 41 29.48 -8.96 -29.35
N LEU C 42 29.51 -7.92 -30.17
CA LEU C 42 29.13 -7.99 -31.58
C LEU C 42 30.28 -7.51 -32.44
N LYS C 43 30.15 -7.72 -33.74
CA LYS C 43 31.06 -7.14 -34.71
C LYS C 43 30.59 -5.73 -35.03
N ALA C 44 31.51 -4.76 -34.94
CA ALA C 44 31.15 -3.39 -35.24
C ALA C 44 30.66 -3.24 -36.68
N SER C 45 31.27 -4.00 -37.60
CA SER C 45 30.79 -3.98 -38.98
C SER C 45 29.35 -4.49 -39.06
N GLN C 46 28.99 -5.46 -38.24
CA GLN C 46 27.60 -5.93 -38.18
C GLN C 46 26.68 -4.81 -37.74
N ILE C 47 27.09 -4.05 -36.71
CA ILE C 47 26.23 -2.98 -36.19
C ILE C 47 26.04 -1.89 -37.24
N ARG C 48 27.12 -1.47 -37.90
CA ARG C 48 27.02 -0.46 -38.94
C ARG C 48 26.13 -0.95 -40.08
N LYS C 49 26.25 -2.21 -40.46
CA LYS C 49 25.39 -2.76 -41.52
C LYS C 49 23.93 -2.76 -41.09
N ASP C 50 23.65 -3.13 -39.84
CA ASP C 50 22.27 -3.12 -39.36
C ASP C 50 21.68 -1.72 -39.42
N LEU C 51 22.40 -0.74 -38.88
CA LEU C 51 21.83 0.59 -38.74
C LEU C 51 21.82 1.37 -40.06
N SER C 52 22.84 1.17 -40.89
CA SER C 52 22.77 1.71 -42.24
C SER C 52 21.56 1.17 -42.99
N TYR C 53 21.32 -0.14 -42.88
CA TYR C 53 20.15 -0.76 -43.52
C TYR C 53 18.88 0.00 -43.19
N PHE C 54 18.75 0.51 -41.96
CA PHE C 54 17.63 1.33 -41.55
C PHE C 54 17.94 2.83 -41.66
N GLY C 55 19.01 3.19 -42.36
CA GLY C 55 19.29 4.58 -42.67
C GLY C 55 19.87 5.39 -41.54
N GLU C 56 20.71 4.78 -40.70
CA GLU C 56 21.39 5.49 -39.62
C GLU C 56 22.88 5.27 -39.80
N PHE C 57 23.61 6.34 -40.13
CA PHE C 57 25.03 6.25 -40.40
C PHE C 57 25.88 6.98 -39.37
N GLY C 58 25.33 7.93 -38.63
CA GLY C 58 26.06 8.69 -37.64
C GLY C 58 27.21 9.46 -38.26
N LYS C 59 28.27 9.63 -37.46
CA LYS C 59 29.48 10.34 -37.87
C LYS C 59 29.19 11.72 -38.42
N GLY C 63 30.72 7.03 -35.02
CA GLY C 63 30.20 7.95 -34.01
C GLY C 63 28.73 8.29 -34.25
N TYR C 64 27.85 7.70 -33.44
CA TYR C 64 26.42 7.96 -33.49
C TYR C 64 26.01 8.88 -32.35
N ASN C 65 25.03 9.75 -32.61
CA ASN C 65 24.41 10.52 -31.55
C ASN C 65 23.49 9.60 -30.76
N VAL C 66 23.78 9.45 -29.46
CA VAL C 66 23.09 8.45 -28.65
C VAL C 66 21.59 8.73 -28.59
N GLU C 67 21.22 9.96 -28.22
CA GLU C 67 19.81 10.29 -28.03
C GLU C 67 19.03 10.10 -29.32
N HIS C 68 19.53 10.67 -30.42
CA HIS C 68 18.86 10.52 -31.71
C HIS C 68 18.73 9.05 -32.09
N LEU C 69 19.83 8.29 -31.99
CA LEU C 69 19.80 6.89 -32.39
C LEU C 69 18.89 6.08 -31.48
N TYR C 70 18.88 6.40 -30.18
CA TYR C 70 17.95 5.75 -29.27
C TYR C 70 16.52 5.96 -29.70
N ASP C 71 16.12 7.21 -29.89
CA ASP C 71 14.77 7.49 -30.34
C ASP C 71 14.52 6.94 -31.74
N ALA C 72 15.55 6.93 -32.59
CA ALA C 72 15.39 6.41 -33.95
C ALA C 72 15.10 4.91 -33.94
N ILE C 73 15.95 4.14 -33.25
CA ILE C 73 15.74 2.70 -33.14
C ILE C 73 14.39 2.42 -32.48
N GLY C 74 14.02 3.24 -31.49
CA GLY C 74 12.72 3.09 -30.88
C GLY C 74 11.58 3.14 -31.89
N GLU C 75 11.65 4.10 -32.82
CA GLU C 75 10.61 4.19 -33.85
C GLU C 75 10.58 2.95 -34.73
N ILE C 76 11.77 2.44 -35.11
CA ILE C 76 11.82 1.25 -35.96
C ILE C 76 11.28 0.03 -35.22
N LEU C 77 11.67 -0.15 -33.96
CA LEU C 77 11.21 -1.29 -33.19
C LEU C 77 9.73 -1.23 -32.82
N GLY C 78 9.06 -0.12 -33.13
CA GLY C 78 7.67 0.04 -32.74
C GLY C 78 7.54 0.23 -31.24
N VAL C 79 8.31 1.16 -30.68
CA VAL C 79 8.29 1.41 -29.24
C VAL C 79 6.91 1.90 -28.83
N LYS C 80 6.45 1.44 -27.68
CA LYS C 80 5.23 1.94 -27.07
C LYS C 80 5.55 2.43 -25.67
N LYS C 81 5.08 3.64 -25.34
CA LYS C 81 5.35 4.21 -24.03
C LYS C 81 4.71 3.40 -22.91
N GLU C 82 3.40 3.15 -23.01
CA GLU C 82 2.62 2.62 -21.90
C GLU C 82 2.11 1.21 -22.19
N TRP C 83 2.16 0.35 -21.17
CA TRP C 83 1.65 -1.01 -21.25
C TRP C 83 0.85 -1.32 -19.98
N LYS C 84 -0.24 -2.06 -20.14
CA LYS C 84 -1.10 -2.46 -19.03
C LYS C 84 -0.73 -3.85 -18.55
N LEU C 85 -0.47 -3.99 -17.26
CA LEU C 85 -0.10 -5.27 -16.67
C LEU C 85 -1.09 -5.69 -15.60
N VAL C 86 -1.21 -7.00 -15.44
CA VAL C 86 -1.77 -7.60 -14.24
C VAL C 86 -0.76 -8.59 -13.68
N VAL C 87 -0.72 -8.69 -12.36
CA VAL C 87 0.10 -9.68 -11.67
C VAL C 87 -0.83 -10.76 -11.14
N VAL C 88 -0.56 -12.01 -11.47
CA VAL C 88 -1.29 -13.15 -10.92
C VAL C 88 -0.43 -13.78 -9.83
N GLY C 89 -0.91 -13.74 -8.61
CA GLY C 89 -0.16 -14.23 -7.47
C GLY C 89 0.31 -13.09 -6.60
N ALA C 90 -0.27 -12.95 -5.41
CA ALA C 90 0.07 -11.86 -4.50
C ALA C 90 1.03 -12.32 -3.41
N GLY C 91 1.97 -13.20 -3.73
CA GLY C 91 2.99 -13.61 -2.79
C GLY C 91 4.14 -12.63 -2.74
N ASN C 92 5.30 -13.12 -2.29
CA ASN C 92 6.47 -12.24 -2.17
C ASN C 92 6.82 -11.59 -3.49
N ILE C 93 6.98 -12.40 -4.54
CA ILE C 93 7.44 -11.88 -5.82
C ILE C 93 6.37 -10.98 -6.44
N GLY C 94 5.12 -11.47 -6.49
CA GLY C 94 4.05 -10.67 -7.07
C GLY C 94 3.88 -9.34 -6.38
N ARG C 95 3.94 -9.34 -5.03
CA ARG C 95 3.90 -8.08 -4.30
C ARG C 95 5.15 -7.25 -4.58
N ALA C 96 6.31 -7.90 -4.74
CA ALA C 96 7.53 -7.17 -5.08
C ALA C 96 7.43 -6.56 -6.47
N VAL C 97 6.85 -7.29 -7.42
CA VAL C 97 6.65 -6.69 -8.73
C VAL C 97 5.66 -5.53 -8.64
N ALA C 98 4.56 -5.72 -7.92
CA ALA C 98 3.53 -4.70 -7.85
C ALA C 98 4.00 -3.43 -7.16
N ASN C 99 4.97 -3.53 -6.24
CA ASN C 99 5.44 -2.38 -5.50
C ASN C 99 6.68 -1.71 -6.12
N TYR C 100 7.08 -2.12 -7.32
CA TYR C 100 8.22 -1.48 -7.97
C TYR C 100 7.78 -0.13 -8.52
N THR C 101 8.31 0.95 -7.98
CA THR C 101 7.83 2.28 -8.34
C THR C 101 8.31 2.69 -9.73
N VAL C 102 9.55 2.36 -10.10
CA VAL C 102 10.11 2.86 -11.33
C VAL C 102 9.52 2.20 -12.58
N MET C 103 8.72 1.14 -12.42
CA MET C 103 8.11 0.50 -13.59
C MET C 103 7.16 1.45 -14.30
N LYS C 104 6.44 2.29 -13.54
CA LYS C 104 5.52 3.24 -14.15
C LYS C 104 6.27 4.25 -15.00
N GLU C 105 7.42 4.74 -14.51
CA GLU C 105 8.22 5.68 -15.28
C GLU C 105 8.73 5.01 -16.56
N LYS C 106 9.10 3.74 -16.49
CA LYS C 106 9.54 3.01 -17.67
C LYS C 106 8.38 2.59 -18.57
N GLY C 107 7.14 2.78 -18.14
CA GLY C 107 5.97 2.61 -19.00
C GLY C 107 5.10 1.42 -18.71
N PHE C 108 5.39 0.64 -17.67
CA PHE C 108 4.63 -0.56 -17.35
C PHE C 108 3.79 -0.27 -16.11
N ARG C 109 2.48 -0.28 -16.29
CA ARG C 109 1.53 0.09 -15.24
C ARG C 109 0.75 -1.16 -14.82
N ILE C 110 0.92 -1.56 -13.57
CA ILE C 110 0.19 -2.68 -13.00
C ILE C 110 -1.15 -2.15 -12.50
N ILE C 111 -2.23 -2.55 -13.16
CA ILE C 111 -3.56 -2.06 -12.81
C ILE C 111 -4.37 -3.08 -12.04
N GLY C 112 -3.89 -4.30 -11.88
CA GLY C 112 -4.58 -5.30 -11.10
C GLY C 112 -3.63 -6.36 -10.61
N ILE C 113 -3.98 -6.97 -9.48
CA ILE C 113 -3.23 -8.08 -8.94
C ILE C 113 -4.24 -9.09 -8.38
N PHE C 114 -4.01 -10.36 -8.65
CA PHE C 114 -5.00 -11.39 -8.39
C PHE C 114 -4.41 -12.50 -7.54
N ASP C 115 -5.26 -13.10 -6.71
CA ASP C 115 -4.86 -14.23 -5.89
C ASP C 115 -6.10 -15.04 -5.56
N SER C 116 -5.87 -16.31 -5.20
CA SER C 116 -6.96 -17.21 -4.83
C SER C 116 -7.16 -17.32 -3.33
N ASP C 117 -6.22 -16.85 -2.52
CA ASP C 117 -6.30 -16.99 -1.08
C ASP C 117 -7.17 -15.88 -0.49
N PRO C 118 -8.27 -16.20 0.19
CA PRO C 118 -9.11 -15.14 0.78
C PRO C 118 -8.39 -14.29 1.81
N SER C 119 -7.36 -14.83 2.48
CA SER C 119 -6.61 -14.03 3.45
C SER C 119 -5.78 -12.96 2.75
N LYS C 120 -5.46 -13.15 1.48
CA LYS C 120 -4.68 -12.18 0.74
C LYS C 120 -5.68 -11.28 -0.09
N ILE C 121 -6.81 -11.84 -0.58
CA ILE C 121 -7.76 -11.08 -1.38
C ILE C 121 -8.35 -9.95 -0.53
N GLY C 122 -8.42 -8.76 -1.12
CA GLY C 122 -8.97 -7.61 -0.46
C GLY C 122 -7.97 -6.78 0.30
N LYS C 123 -6.74 -7.23 0.46
CA LYS C 123 -5.70 -6.46 1.12
C LYS C 123 -4.96 -5.58 0.12
N GLU C 124 -4.30 -4.56 0.64
CA GLU C 124 -3.46 -3.70 -0.19
C GLU C 124 -2.19 -4.44 -0.56
N ALA C 125 -2.04 -4.74 -1.86
CA ALA C 125 -0.79 -5.31 -2.35
C ALA C 125 0.25 -4.21 -2.54
N ALA C 126 -0.18 -3.07 -3.07
CA ALA C 126 0.70 -1.97 -3.42
C ALA C 126 -0.15 -0.71 -3.41
N PRO C 127 0.47 0.47 -3.36
CA PRO C 127 -0.31 1.72 -3.40
C PRO C 127 -1.35 1.73 -4.50
N GLY C 128 -2.62 1.93 -4.16
CA GLY C 128 -3.69 1.92 -5.14
C GLY C 128 -4.02 0.56 -5.70
N LEU C 129 -3.41 -0.51 -5.19
CA LEU C 129 -3.61 -1.86 -5.67
C LEU C 129 -4.14 -2.70 -4.52
N THR C 130 -5.40 -3.13 -4.62
CA THR C 130 -5.95 -4.13 -3.73
C THR C 130 -6.00 -5.45 -4.46
N VAL C 131 -5.66 -6.53 -3.76
CA VAL C 131 -5.69 -7.85 -4.37
C VAL C 131 -7.11 -8.20 -4.75
N SER C 132 -7.29 -8.63 -6.00
CA SER C 132 -8.58 -9.06 -6.52
C SER C 132 -8.64 -10.58 -6.56
N ASP C 133 -9.84 -11.12 -6.45
CA ASP C 133 -10.01 -12.57 -6.54
C ASP C 133 -9.70 -13.03 -7.95
N VAL C 134 -8.86 -14.07 -8.05
CA VAL C 134 -8.37 -14.54 -9.35
C VAL C 134 -9.46 -15.11 -10.24
N SER C 135 -10.68 -15.33 -9.74
CA SER C 135 -11.74 -15.76 -10.64
C SER C 135 -12.13 -14.63 -11.59
N GLU C 136 -11.92 -13.39 -11.18
CA GLU C 136 -12.20 -12.22 -12.00
CA GLU C 136 -12.22 -12.23 -12.00
C GLU C 136 -11.11 -11.92 -13.01
N LEU C 137 -10.10 -12.80 -13.12
CA LEU C 137 -8.92 -12.52 -13.94
C LEU C 137 -9.30 -12.28 -15.41
N GLU C 138 -9.98 -13.24 -16.03
CA GLU C 138 -10.29 -13.13 -17.45
C GLU C 138 -11.16 -11.92 -17.74
N LYS C 139 -12.18 -11.70 -16.90
CA LYS C 139 -13.07 -10.56 -17.09
C LYS C 139 -12.32 -9.24 -16.92
N PHE C 140 -11.45 -9.15 -15.92
CA PHE C 140 -10.67 -7.93 -15.71
C PHE C 140 -9.74 -7.67 -16.91
N VAL C 141 -9.04 -8.72 -17.35
CA VAL C 141 -8.12 -8.59 -18.49
C VAL C 141 -8.88 -8.16 -19.74
N GLU C 142 -10.06 -8.73 -19.98
CA GLU C 142 -10.77 -8.42 -21.22
C GLU C 142 -11.39 -7.03 -21.17
N GLU C 143 -11.89 -6.61 -20.02
CA GLU C 143 -12.56 -5.32 -19.94
C GLU C 143 -11.57 -4.17 -19.77
N HIS C 144 -10.40 -4.43 -19.21
CA HIS C 144 -9.36 -3.40 -19.14
C HIS C 144 -8.39 -3.46 -20.31
N GLY C 145 -8.50 -4.46 -21.18
CA GLY C 145 -7.58 -4.56 -22.30
C GLY C 145 -6.15 -4.79 -21.88
N VAL C 146 -5.94 -5.57 -20.82
CA VAL C 146 -4.59 -5.81 -20.31
C VAL C 146 -3.79 -6.57 -21.35
N GLU C 147 -2.54 -6.16 -21.54
CA GLU C 147 -1.69 -6.73 -22.57
C GLU C 147 -0.62 -7.65 -22.03
N ILE C 148 -0.14 -7.42 -20.81
CA ILE C 148 0.93 -8.21 -20.22
C ILE C 148 0.45 -8.77 -18.89
N GLY C 149 0.64 -10.07 -18.70
CA GLY C 149 0.33 -10.73 -17.44
C GLY C 149 1.62 -11.19 -16.78
N VAL C 150 1.73 -10.91 -15.49
CA VAL C 150 2.88 -11.32 -14.70
C VAL C 150 2.46 -12.54 -13.89
N ILE C 151 3.02 -13.69 -14.21
CA ILE C 151 2.71 -14.93 -13.50
C ILE C 151 3.63 -15.02 -12.28
N ALA C 152 3.04 -14.92 -11.09
CA ALA C 152 3.79 -15.04 -9.84
C ALA C 152 3.08 -16.00 -8.90
N VAL C 153 2.52 -17.08 -9.44
CA VAL C 153 1.91 -18.15 -8.67
C VAL C 153 2.91 -19.31 -8.57
N PRO C 154 2.73 -20.27 -7.66
CA PRO C 154 3.63 -21.43 -7.61
C PRO C 154 3.68 -22.18 -8.93
N ALA C 155 4.76 -22.95 -9.09
CA ALA C 155 5.01 -23.64 -10.36
C ALA C 155 3.86 -24.56 -10.73
N GLU C 156 3.19 -25.16 -9.75
CA GLU C 156 2.14 -26.11 -10.05
C GLU C 156 0.94 -25.43 -10.72
N HIS C 157 0.72 -24.14 -10.43
CA HIS C 157 -0.43 -23.42 -10.95
C HIS C 157 -0.08 -22.49 -12.11
N ALA C 158 1.16 -22.54 -12.60
CA ALA C 158 1.61 -21.56 -13.59
C ALA C 158 0.99 -21.79 -14.95
N GLN C 159 1.04 -23.03 -15.45
CA GLN C 159 0.48 -23.34 -16.76
C GLN C 159 -1.02 -23.07 -16.78
N GLU C 160 -1.71 -23.38 -15.69
CA GLU C 160 -3.14 -23.05 -15.61
C GLU C 160 -3.36 -21.56 -15.77
N ILE C 161 -2.58 -20.76 -15.03
CA ILE C 161 -2.72 -19.31 -15.09
C ILE C 161 -2.39 -18.77 -16.47
N ALA C 162 -1.37 -19.33 -17.13
CA ALA C 162 -0.97 -18.81 -18.43
C ALA C 162 -2.05 -19.06 -19.47
N GLU C 163 -2.67 -20.24 -19.44
CA GLU C 163 -3.74 -20.55 -20.39
C GLU C 163 -4.94 -19.63 -20.17
N ARG C 164 -5.24 -19.30 -18.90
CA ARG C 164 -6.29 -18.34 -18.62
C ARG C 164 -5.92 -16.95 -19.14
N LEU C 165 -4.68 -16.52 -18.93
CA LEU C 165 -4.24 -15.25 -19.49
C LEU C 165 -4.29 -15.27 -21.02
N GLU C 166 -3.86 -16.37 -21.63
CA GLU C 166 -3.91 -16.48 -23.08
C GLU C 166 -5.35 -16.50 -23.58
N LYS C 167 -6.25 -17.17 -22.87
CA LYS C 167 -7.65 -17.16 -23.27
C LYS C 167 -8.25 -15.76 -23.19
N ALA C 168 -7.90 -15.01 -22.13
CA ALA C 168 -8.43 -13.67 -21.92
C ALA C 168 -7.88 -12.64 -22.90
N GLY C 169 -6.97 -13.04 -23.79
CA GLY C 169 -6.46 -12.13 -24.79
C GLY C 169 -5.20 -11.39 -24.41
N ILE C 170 -4.42 -11.91 -23.46
CA ILE C 170 -3.15 -11.29 -23.12
C ILE C 170 -2.22 -11.36 -24.33
N LYS C 171 -1.38 -10.34 -24.47
CA LYS C 171 -0.46 -10.31 -25.61
C LYS C 171 0.92 -10.85 -25.28
N GLY C 172 1.27 -10.93 -24.00
CA GLY C 172 2.59 -11.38 -23.59
C GLY C 172 2.60 -11.64 -22.10
N ILE C 173 3.55 -12.47 -21.68
CA ILE C 173 3.59 -12.97 -20.31
C ILE C 173 4.99 -12.79 -19.76
N LEU C 174 5.09 -12.19 -18.58
CA LEU C 174 6.30 -12.24 -17.77
C LEU C 174 6.12 -13.34 -16.75
N ASN C 175 6.87 -14.43 -16.90
CA ASN C 175 6.69 -15.62 -16.07
C ASN C 175 7.78 -15.67 -15.01
N PHE C 176 7.36 -15.61 -13.74
CA PHE C 176 8.29 -15.81 -12.64
C PHE C 176 8.33 -17.24 -12.14
N ALA C 177 7.31 -18.04 -12.43
CA ALA C 177 7.26 -19.41 -11.94
C ALA C 177 8.40 -20.23 -12.55
N PRO C 178 9.02 -21.15 -11.75
CA PRO C 178 10.20 -21.90 -12.21
C PRO C 178 9.81 -23.13 -13.02
N VAL C 179 9.14 -22.91 -14.14
CA VAL C 179 8.68 -23.99 -15.01
C VAL C 179 8.50 -23.41 -16.41
N LYS C 180 8.74 -24.25 -17.41
CA LYS C 180 8.50 -23.83 -18.78
C LYS C 180 7.01 -23.71 -19.03
N ILE C 181 6.60 -22.59 -19.61
CA ILE C 181 5.21 -22.31 -19.92
C ILE C 181 4.95 -22.61 -21.39
N LYS C 182 3.88 -23.34 -21.65
CA LYS C 182 3.46 -23.67 -23.02
C LYS C 182 2.30 -22.76 -23.39
N VAL C 183 2.54 -21.84 -24.31
CA VAL C 183 1.57 -20.83 -24.69
C VAL C 183 1.95 -20.26 -26.04
N SER C 184 1.04 -19.52 -26.66
CA SER C 184 1.32 -18.96 -27.98
C SER C 184 1.93 -17.57 -27.94
N VAL C 185 1.57 -16.77 -26.94
CA VAL C 185 2.06 -15.40 -26.82
C VAL C 185 3.53 -15.40 -26.44
N PRO C 186 4.28 -14.34 -26.72
CA PRO C 186 5.67 -14.28 -26.25
C PRO C 186 5.75 -14.34 -24.73
N VAL C 187 6.82 -14.96 -24.24
CA VAL C 187 7.05 -15.14 -22.81
C VAL C 187 8.50 -14.77 -22.50
N GLU C 188 8.68 -13.93 -21.48
CA GLU C 188 9.98 -13.71 -20.86
C GLU C 188 9.98 -14.37 -19.50
N ASN C 189 10.98 -15.20 -19.23
CA ASN C 189 11.07 -15.94 -17.97
C ASN C 189 12.12 -15.30 -17.07
N ILE C 190 11.72 -15.04 -15.83
CA ILE C 190 12.65 -14.65 -14.77
C ILE C 190 12.66 -15.77 -13.75
N ASP C 191 13.76 -16.51 -13.70
CA ASP C 191 13.93 -17.64 -12.80
C ASP C 191 15.13 -17.33 -11.90
N ILE C 192 14.82 -16.83 -10.70
CA ILE C 192 15.87 -16.43 -9.76
C ILE C 192 16.79 -17.61 -9.44
N THR C 193 16.22 -18.80 -9.24
CA THR C 193 17.04 -19.94 -8.85
C THR C 193 17.88 -20.47 -10.01
N ALA C 194 17.40 -20.33 -11.25
CA ALA C 194 18.21 -20.71 -12.40
C ALA C 194 19.36 -19.72 -12.58
N SER C 195 19.12 -18.43 -12.35
CA SER C 195 20.22 -17.47 -12.39
C SER C 195 21.26 -17.80 -11.32
N LEU C 196 20.82 -18.19 -10.13
CA LEU C 196 21.75 -18.60 -9.09
C LEU C 196 22.55 -19.83 -9.51
N ARG C 197 21.90 -20.77 -10.21
CA ARG C 197 22.60 -21.97 -10.65
C ARG C 197 23.68 -21.63 -11.68
N VAL C 198 23.36 -20.73 -12.62
CA VAL C 198 24.38 -20.23 -13.53
C VAL C 198 25.51 -19.59 -12.74
N LEU C 199 25.17 -18.89 -11.67
CA LEU C 199 26.19 -18.29 -10.81
C LEU C 199 26.98 -19.37 -10.07
N THR C 200 26.31 -20.41 -9.58
CA THR C 200 27.08 -21.45 -8.88
C THR C 200 27.96 -22.23 -9.86
N PHE C 201 27.50 -22.44 -11.10
CA PHE C 201 28.36 -23.06 -12.10
C PHE C 201 29.65 -22.27 -12.29
N GLU C 202 29.54 -20.94 -12.40
CA GLU C 202 30.74 -20.12 -12.54
C GLU C 202 31.63 -20.18 -11.30
N ILE C 203 31.02 -20.32 -10.12
CA ILE C 203 31.82 -20.35 -8.89
C ILE C 203 32.55 -21.69 -8.77
N VAL C 204 31.92 -22.77 -9.23
CA VAL C 204 32.51 -24.10 -9.08
C VAL C 204 33.78 -24.23 -9.91
N ARG C 205 33.82 -23.61 -11.09
CA ARG C 205 34.98 -23.74 -11.97
C ARG C 205 36.25 -23.22 -11.30
N ARG C 206 36.16 -22.03 -10.69
CA ARG C 206 37.33 -21.43 -10.06
C ARG C 206 37.79 -22.17 -8.83
N ASN C 207 36.90 -22.94 -8.19
CA ASN C 207 37.27 -23.70 -6.99
C ASN C 207 38.19 -24.86 -7.35
N VAL D 9 27.72 -21.98 -22.34
CA VAL D 9 27.38 -23.35 -22.00
C VAL D 9 26.71 -23.41 -20.63
N SER D 10 26.89 -22.34 -19.84
CA SER D 10 26.33 -22.30 -18.50
C SER D 10 24.81 -22.50 -18.53
N LYS D 11 24.10 -21.65 -19.27
CA LYS D 11 22.65 -21.78 -19.36
C LYS D 11 22.24 -23.05 -20.10
N ARG D 12 23.09 -23.54 -21.01
CA ARG D 12 22.77 -24.78 -21.71
C ARG D 12 22.87 -25.98 -20.78
N LEU D 13 23.93 -26.06 -19.97
CA LEU D 13 24.06 -27.16 -19.03
C LEU D 13 22.94 -27.13 -17.99
N VAL D 14 22.48 -25.94 -17.61
CA VAL D 14 21.35 -25.84 -16.69
C VAL D 14 20.10 -26.43 -17.34
N SER D 15 19.90 -26.18 -18.63
CA SER D 15 18.73 -26.71 -19.32
C SER D 15 18.79 -28.23 -19.41
N TYR D 16 19.99 -28.79 -19.62
CA TYR D 16 20.14 -30.24 -19.72
C TYR D 16 19.78 -30.91 -18.40
N TYR D 17 20.13 -30.29 -17.27
CA TYR D 17 19.86 -30.88 -15.97
C TYR D 17 18.37 -31.09 -15.75
N MET D 18 17.56 -30.07 -16.09
CA MET D 18 16.12 -30.20 -15.93
C MET D 18 15.54 -31.24 -16.88
N CYS D 19 16.07 -31.30 -18.11
CA CYS D 19 15.62 -32.32 -19.05
C CYS D 19 16.07 -33.71 -18.63
N LEU D 20 17.31 -33.84 -18.16
CA LEU D 20 17.76 -35.10 -17.58
C LEU D 20 16.95 -35.45 -16.33
N GLU D 21 16.49 -34.44 -15.60
CA GLU D 21 15.67 -34.68 -14.42
C GLU D 21 14.36 -35.35 -14.80
N ARG D 22 13.69 -34.85 -15.85
CA ARG D 22 12.43 -35.44 -16.28
C ARG D 22 12.65 -36.80 -16.92
N LEU D 23 13.78 -37.00 -17.60
CA LEU D 23 14.07 -38.31 -18.19
C LEU D 23 14.24 -39.37 -17.11
N LEU D 24 14.84 -39.00 -15.98
CA LEU D 24 14.93 -39.93 -14.85
C LEU D 24 13.55 -40.24 -14.28
N ASP D 25 12.70 -39.21 -14.17
CA ASP D 25 11.35 -39.42 -13.67
C ASP D 25 10.57 -40.37 -14.58
N GLU D 26 10.80 -40.27 -15.89
CA GLU D 26 10.14 -41.15 -16.84
C GLU D 26 10.69 -42.58 -16.78
N GLY D 27 11.87 -42.78 -16.20
CA GLY D 27 12.49 -44.08 -16.15
C GLY D 27 13.44 -44.37 -17.30
N VAL D 28 13.57 -43.45 -18.26
CA VAL D 28 14.46 -43.65 -19.39
C VAL D 28 15.90 -43.65 -18.89
N GLU D 29 16.67 -44.63 -19.35
CA GLU D 29 18.09 -44.72 -18.98
C GLU D 29 19.01 -44.11 -20.03
N VAL D 30 18.57 -43.99 -21.28
CA VAL D 30 19.40 -43.42 -22.34
C VAL D 30 18.69 -42.27 -23.06
N SER D 33 20.42 -37.39 -27.86
CA SER D 33 21.09 -36.46 -28.74
C SER D 33 20.09 -35.53 -29.42
N GLU D 34 19.39 -36.07 -30.42
CA GLU D 34 18.36 -35.29 -31.10
C GLU D 34 17.14 -35.08 -30.21
N GLU D 35 16.86 -36.04 -29.32
CA GLU D 35 15.71 -35.90 -28.44
C GLU D 35 15.83 -34.71 -27.51
N LEU D 36 17.06 -34.33 -27.14
CA LEU D 36 17.25 -33.14 -26.32
C LEU D 36 16.81 -31.89 -27.06
N ALA D 37 17.26 -31.72 -28.30
CA ALA D 37 16.78 -30.61 -29.11
C ALA D 37 15.30 -30.77 -29.45
N ARG D 38 14.88 -31.98 -29.76
CA ARG D 38 13.49 -32.28 -30.06
C ARG D 38 12.67 -32.39 -28.77
N ALA D 44 20.85 -30.21 -32.35
CA ALA D 44 21.53 -31.30 -31.66
C ALA D 44 23.05 -31.17 -31.75
N SER D 45 23.52 -30.16 -32.47
CA SER D 45 24.95 -30.01 -32.68
C SER D 45 25.65 -29.48 -31.43
N GLN D 46 25.08 -28.44 -30.80
CA GLN D 46 25.74 -27.83 -29.65
C GLN D 46 25.73 -28.77 -28.45
N ILE D 47 24.65 -29.54 -28.27
CA ILE D 47 24.56 -30.42 -27.12
C ILE D 47 25.56 -31.56 -27.20
N ARG D 48 25.73 -32.14 -28.40
CA ARG D 48 26.69 -33.23 -28.55
C ARG D 48 28.12 -32.75 -28.30
N LYS D 49 28.45 -31.53 -28.75
CA LYS D 49 29.77 -30.97 -28.49
C LYS D 49 29.95 -30.65 -27.02
N ASP D 50 28.88 -30.19 -26.36
CA ASP D 50 28.95 -29.93 -24.92
C ASP D 50 29.16 -31.20 -24.13
N LEU D 51 28.51 -32.30 -24.54
CA LEU D 51 28.60 -33.55 -23.80
C LEU D 51 29.94 -34.25 -23.97
N SER D 52 30.74 -33.85 -24.97
CA SER D 52 32.04 -34.47 -25.19
C SER D 52 32.97 -34.28 -24.00
N TYR D 53 32.77 -33.21 -23.22
CA TYR D 53 33.56 -33.01 -22.01
C TYR D 53 33.36 -34.16 -21.03
N PHE D 54 32.20 -34.81 -21.04
CA PHE D 54 31.94 -35.87 -20.07
C PHE D 54 32.63 -37.17 -20.46
N GLY D 55 32.92 -37.35 -21.74
CA GLY D 55 33.76 -38.44 -22.27
C GLY D 55 33.08 -39.78 -21.97
N GLU D 56 33.85 -40.77 -21.48
CA GLU D 56 33.35 -42.13 -21.36
C GLU D 56 32.32 -42.27 -20.24
N PHE D 57 32.39 -41.43 -19.21
CA PHE D 57 31.45 -41.54 -18.11
C PHE D 57 30.01 -41.33 -18.58
N GLY D 58 29.80 -40.37 -19.47
CA GLY D 58 28.46 -40.08 -19.94
C GLY D 58 28.03 -40.80 -21.20
N LYS D 59 28.83 -41.76 -21.67
CA LYS D 59 28.53 -42.48 -22.91
C LYS D 59 27.80 -43.79 -22.58
N ARG D 60 26.68 -44.01 -23.25
CA ARG D 60 25.94 -45.27 -23.12
C ARG D 60 24.99 -45.46 -24.28
N ASN D 65 24.20 -42.20 -20.96
CA ASN D 65 23.82 -42.58 -19.60
C ASN D 65 23.17 -41.39 -18.91
N VAL D 66 21.85 -41.49 -18.70
CA VAL D 66 21.10 -40.38 -18.13
C VAL D 66 21.51 -40.13 -16.68
N GLU D 67 21.67 -41.21 -15.90
CA GLU D 67 22.12 -41.04 -14.51
C GLU D 67 23.46 -40.34 -14.45
N HIS D 68 24.43 -40.81 -15.24
CA HIS D 68 25.77 -40.26 -15.20
C HIS D 68 25.77 -38.76 -15.49
N LEU D 69 25.11 -38.36 -16.58
CA LEU D 69 25.10 -36.95 -16.96
C LEU D 69 24.35 -36.10 -15.94
N TYR D 70 23.21 -36.60 -15.43
CA TYR D 70 22.46 -35.86 -14.43
C TYR D 70 23.30 -35.63 -13.18
N ASP D 71 23.93 -36.70 -12.68
CA ASP D 71 24.79 -36.55 -11.50
C ASP D 71 26.04 -35.73 -11.81
N ALA D 72 26.58 -35.84 -13.03
CA ALA D 72 27.79 -35.09 -13.38
C ALA D 72 27.49 -33.62 -13.62
N ILE D 73 26.48 -33.32 -14.44
CA ILE D 73 26.08 -31.93 -14.65
C ILE D 73 25.67 -31.30 -13.33
N GLY D 74 25.03 -32.08 -12.46
CA GLY D 74 24.66 -31.56 -11.15
C GLY D 74 25.86 -31.17 -10.31
N GLU D 75 26.92 -31.99 -10.34
CA GLU D 75 28.16 -31.61 -9.67
C GLU D 75 28.76 -30.38 -10.32
N ILE D 76 28.73 -30.31 -11.65
CA ILE D 76 29.31 -29.17 -12.36
C ILE D 76 28.51 -27.89 -12.06
N LEU D 77 27.19 -28.03 -11.89
CA LEU D 77 26.35 -26.90 -11.52
C LEU D 77 26.38 -26.62 -10.02
N GLY D 78 27.01 -27.48 -9.23
CA GLY D 78 27.05 -27.30 -7.79
C GLY D 78 25.75 -27.56 -7.06
N VAL D 79 24.85 -28.39 -7.63
CA VAL D 79 23.58 -28.62 -6.96
C VAL D 79 23.77 -29.46 -5.70
N LYS D 80 24.89 -30.16 -5.58
CA LYS D 80 25.13 -30.99 -4.39
C LYS D 80 25.36 -30.13 -3.15
N LYS D 81 25.82 -28.90 -3.34
CA LYS D 81 26.20 -28.04 -2.24
C LYS D 81 25.04 -27.12 -1.84
N GLU D 82 25.01 -26.79 -0.55
CA GLU D 82 24.17 -25.71 -0.04
C GLU D 82 25.01 -24.43 0.02
N TRP D 83 24.43 -23.33 -0.45
CA TRP D 83 25.15 -22.07 -0.62
C TRP D 83 24.65 -21.05 0.38
N LYS D 84 25.59 -20.38 1.05
CA LYS D 84 25.29 -19.31 1.98
C LYS D 84 25.15 -18.00 1.21
N LEU D 85 24.05 -17.30 1.43
CA LEU D 85 23.79 -16.05 0.75
C LEU D 85 23.63 -14.92 1.75
N VAL D 86 23.92 -13.71 1.30
CA VAL D 86 23.46 -12.50 1.96
C VAL D 86 22.73 -11.65 0.94
N VAL D 87 21.73 -10.93 1.41
CA VAL D 87 20.98 -9.99 0.60
C VAL D 87 21.35 -8.58 1.06
N VAL D 88 21.69 -7.71 0.14
CA VAL D 88 21.96 -6.32 0.48
C VAL D 88 20.81 -5.48 -0.05
N GLY D 89 20.14 -4.79 0.88
CA GLY D 89 18.95 -4.05 0.54
C GLY D 89 17.72 -4.81 1.00
N ALA D 90 17.17 -4.38 2.14
CA ALA D 90 15.97 -5.00 2.71
C ALA D 90 14.71 -4.29 2.27
N GLY D 91 14.65 -3.99 0.99
CA GLY D 91 13.53 -3.35 0.36
C GLY D 91 12.57 -4.35 -0.25
N ASN D 92 11.82 -3.91 -1.23
CA ASN D 92 10.83 -4.74 -1.83
C ASN D 92 11.39 -6.02 -2.44
N ILE D 93 12.45 -5.91 -3.23
CA ILE D 93 13.11 -7.08 -3.78
C ILE D 93 13.85 -7.89 -2.74
N GLY D 94 14.55 -7.23 -1.85
CA GLY D 94 15.37 -7.91 -0.90
C GLY D 94 14.59 -8.80 0.02
N ARG D 95 13.50 -8.29 0.55
CA ARG D 95 12.65 -9.06 1.42
C ARG D 95 11.99 -10.19 0.71
N ALA D 96 11.60 -9.96 -0.52
CA ALA D 96 10.99 -11.00 -1.30
C ALA D 96 11.95 -12.14 -1.45
N VAL D 97 13.19 -11.83 -1.76
CA VAL D 97 14.20 -12.84 -1.91
C VAL D 97 14.42 -13.54 -0.59
N ALA D 98 14.43 -12.79 0.49
CA ALA D 98 14.62 -13.35 1.79
C ALA D 98 13.50 -14.28 2.17
N ASN D 99 12.32 -14.04 1.63
CA ASN D 99 11.21 -14.92 1.90
C ASN D 99 10.90 -15.94 0.82
N TYR D 100 11.73 -16.02 -0.19
CA TYR D 100 11.39 -16.78 -1.37
C TYR D 100 11.58 -18.23 -1.03
N THR D 101 10.52 -19.00 -1.12
CA THR D 101 10.58 -20.40 -0.67
C THR D 101 11.41 -21.27 -1.61
N VAL D 102 11.28 -21.05 -2.91
CA VAL D 102 11.95 -21.90 -3.90
C VAL D 102 13.47 -21.87 -3.72
N MET D 103 14.02 -20.77 -3.21
CA MET D 103 15.48 -20.66 -3.14
C MET D 103 16.06 -21.63 -2.13
N LYS D 104 15.56 -21.64 -0.91
CA LYS D 104 16.06 -22.60 0.07
C LYS D 104 15.75 -24.03 -0.33
N GLU D 105 14.64 -24.25 -1.06
CA GLU D 105 14.37 -25.58 -1.58
C GLU D 105 15.47 -26.02 -2.54
N LYS D 106 16.07 -25.09 -3.28
CA LYS D 106 17.15 -25.44 -4.20
C LYS D 106 18.52 -25.35 -3.56
N GLY D 107 18.60 -25.10 -2.25
CA GLY D 107 19.87 -25.10 -1.56
C GLY D 107 20.54 -23.74 -1.42
N PHE D 108 19.78 -22.65 -1.48
CA PHE D 108 20.33 -21.30 -1.32
C PHE D 108 19.82 -20.74 0.00
N ARG D 109 20.69 -20.71 1.00
CA ARG D 109 20.33 -20.35 2.36
C ARG D 109 20.74 -18.90 2.62
N ILE D 110 19.75 -18.02 2.76
CA ILE D 110 20.03 -16.63 3.10
C ILE D 110 20.27 -16.55 4.60
N ILE D 111 21.50 -16.22 4.99
CA ILE D 111 21.85 -16.14 6.40
C ILE D 111 22.02 -14.71 6.86
N GLY D 112 21.82 -13.74 5.99
CA GLY D 112 22.03 -12.36 6.34
C GLY D 112 21.38 -11.43 5.33
N ILE D 113 20.79 -10.36 5.83
CA ILE D 113 20.23 -9.33 4.97
C ILE D 113 20.59 -7.98 5.57
N PHE D 114 20.93 -7.02 4.72
CA PHE D 114 21.57 -5.80 5.17
C PHE D 114 20.91 -4.59 4.54
N ASP D 115 20.87 -3.50 5.31
CA ASP D 115 20.33 -2.25 4.79
C ASP D 115 21.05 -1.09 5.46
N SER D 116 21.04 0.04 4.78
CA SER D 116 21.58 1.30 5.28
C SER D 116 20.51 2.22 5.85
N ASP D 117 19.24 1.82 5.78
CA ASP D 117 18.15 2.64 6.25
C ASP D 117 17.96 2.43 7.75
N PRO D 118 18.12 3.46 8.58
CA PRO D 118 17.93 3.26 10.03
C PRO D 118 16.53 2.81 10.38
N SER D 119 15.55 3.08 9.51
CA SER D 119 14.18 2.62 9.76
C SER D 119 14.05 1.11 9.59
N LYS D 120 14.92 0.49 8.78
CA LYS D 120 14.80 -0.94 8.51
C LYS D 120 15.74 -1.81 9.33
N ILE D 121 16.81 -1.24 9.88
CA ILE D 121 17.78 -2.03 10.63
C ILE D 121 17.15 -2.46 11.94
N GLY D 122 17.25 -3.76 12.24
CA GLY D 122 16.61 -4.35 13.39
C GLY D 122 15.27 -4.98 13.09
N LYS D 123 14.58 -4.52 12.04
CA LYS D 123 13.33 -5.14 11.66
C LYS D 123 13.57 -6.56 11.16
N GLU D 124 12.56 -7.41 11.32
CA GLU D 124 12.63 -8.78 10.86
C GLU D 124 12.23 -8.80 9.38
N ALA D 125 13.18 -9.19 8.53
CA ALA D 125 12.88 -9.33 7.10
C ALA D 125 12.20 -10.67 6.80
N ALA D 126 12.55 -11.71 7.54
CA ALA D 126 11.99 -13.03 7.34
C ALA D 126 12.03 -13.77 8.67
N PRO D 127 11.27 -14.87 8.81
CA PRO D 127 11.33 -15.62 10.07
C PRO D 127 12.74 -16.03 10.44
N GLY D 128 13.20 -15.57 11.60
CA GLY D 128 14.56 -15.83 12.03
C GLY D 128 15.60 -14.98 11.35
N LEU D 129 15.20 -14.00 10.57
CA LEU D 129 16.11 -13.19 9.76
C LEU D 129 15.90 -11.72 10.12
N THR D 130 16.89 -11.13 10.77
CA THR D 130 16.88 -9.74 11.19
C THR D 130 17.74 -8.91 10.26
N VAL D 131 17.24 -7.73 9.87
CA VAL D 131 18.00 -6.83 9.02
C VAL D 131 19.19 -6.29 9.80
N SER D 132 20.40 -6.50 9.29
CA SER D 132 21.60 -5.95 9.88
C SER D 132 21.98 -4.63 9.21
N ASP D 133 22.75 -3.82 9.93
CA ASP D 133 23.33 -2.61 9.36
C ASP D 133 24.33 -3.01 8.28
N VAL D 134 24.24 -2.37 7.11
CA VAL D 134 25.17 -2.62 6.02
C VAL D 134 26.61 -2.28 6.40
N SER D 135 26.82 -1.55 7.50
CA SER D 135 28.18 -1.30 7.96
C SER D 135 28.88 -2.58 8.38
N GLU D 136 28.11 -3.60 8.75
CA GLU D 136 28.70 -4.87 9.17
C GLU D 136 28.81 -5.87 8.02
N LEU D 137 28.53 -5.44 6.78
CA LEU D 137 28.44 -6.36 5.65
C LEU D 137 29.73 -7.14 5.47
N GLU D 138 30.86 -6.44 5.35
CA GLU D 138 32.13 -7.13 5.09
C GLU D 138 32.50 -8.07 6.23
N LYS D 139 32.34 -7.61 7.47
CA LYS D 139 32.62 -8.44 8.63
C LYS D 139 31.78 -9.72 8.61
N PHE D 140 30.47 -9.58 8.36
CA PHE D 140 29.59 -10.75 8.31
C PHE D 140 29.97 -11.69 7.17
N VAL D 141 30.25 -11.12 5.99
CA VAL D 141 30.63 -11.95 4.85
C VAL D 141 31.93 -12.69 5.14
N GLU D 142 32.89 -11.99 5.73
CA GLU D 142 34.18 -12.62 6.09
C GLU D 142 33.97 -13.73 7.11
N GLU D 143 33.34 -13.41 8.23
CA GLU D 143 33.24 -14.37 9.33
C GLU D 143 32.45 -15.61 8.93
N HIS D 144 31.32 -15.43 8.27
CA HIS D 144 30.48 -16.56 7.90
C HIS D 144 30.89 -17.22 6.58
N GLY D 145 31.92 -16.70 5.91
CA GLY D 145 32.34 -17.28 4.65
C GLY D 145 31.26 -17.25 3.58
N VAL D 146 30.51 -16.15 3.51
CA VAL D 146 29.38 -16.08 2.60
C VAL D 146 29.86 -16.19 1.15
N GLU D 147 29.14 -16.97 0.36
CA GLU D 147 29.55 -17.25 -1.00
C GLU D 147 28.87 -16.34 -2.03
N ILE D 148 27.57 -16.09 -1.88
CA ILE D 148 26.80 -15.37 -2.89
C ILE D 148 26.18 -14.14 -2.26
N GLY D 149 26.32 -13.00 -2.94
CA GLY D 149 25.70 -11.77 -2.52
C GLY D 149 24.58 -11.40 -3.49
N VAL D 150 23.45 -11.02 -2.92
CA VAL D 150 22.30 -10.59 -3.71
C VAL D 150 22.18 -9.09 -3.53
N ILE D 151 22.32 -8.36 -4.63
CA ILE D 151 22.30 -6.90 -4.61
C ILE D 151 20.89 -6.46 -4.94
N ALA D 152 20.22 -5.86 -3.96
CA ALA D 152 18.85 -5.40 -4.07
C ALA D 152 18.75 -3.96 -3.59
N VAL D 153 19.77 -3.16 -3.93
CA VAL D 153 19.83 -1.74 -3.60
C VAL D 153 19.65 -0.97 -4.91
N PRO D 154 19.31 0.31 -4.86
CA PRO D 154 19.16 1.07 -6.12
C PRO D 154 20.43 1.03 -6.94
N ALA D 155 20.27 1.36 -8.23
CA ALA D 155 21.37 1.30 -9.17
C ALA D 155 22.51 2.23 -8.77
N GLU D 156 22.20 3.35 -8.12
CA GLU D 156 23.25 4.32 -7.80
C GLU D 156 24.24 3.76 -6.78
N HIS D 157 23.83 2.79 -5.96
CA HIS D 157 24.69 2.24 -4.92
C HIS D 157 25.15 0.82 -5.24
N ALA D 158 24.79 0.30 -6.41
CA ALA D 158 25.03 -1.11 -6.71
C ALA D 158 26.52 -1.42 -6.83
N GLN D 159 27.25 -0.62 -7.62
CA GLN D 159 28.68 -0.86 -7.81
C GLN D 159 29.41 -0.81 -6.47
N GLU D 160 29.15 0.23 -5.67
CA GLU D 160 29.76 0.32 -4.34
C GLU D 160 29.52 -0.94 -3.53
N ILE D 161 28.28 -1.43 -3.51
CA ILE D 161 27.97 -2.65 -2.77
C ILE D 161 28.73 -3.84 -3.36
N ALA D 162 28.72 -3.97 -4.69
CA ALA D 162 29.45 -5.04 -5.33
C ALA D 162 30.92 -5.04 -4.92
N GLU D 163 31.53 -3.85 -4.85
CA GLU D 163 32.94 -3.77 -4.46
C GLU D 163 33.15 -4.15 -3.01
N ARG D 164 32.22 -3.79 -2.14
CA ARG D 164 32.33 -4.22 -0.75
C ARG D 164 32.19 -5.72 -0.64
N LEU D 165 31.24 -6.30 -1.37
CA LEU D 165 31.10 -7.76 -1.39
C LEU D 165 32.37 -8.42 -1.90
N GLU D 166 32.93 -7.86 -2.97
CA GLU D 166 34.18 -8.38 -3.52
C GLU D 166 35.32 -8.31 -2.51
N LYS D 167 35.47 -7.16 -1.84
CA LYS D 167 36.55 -7.02 -0.87
C LYS D 167 36.37 -7.98 0.29
N ALA D 168 35.13 -8.27 0.66
CA ALA D 168 34.84 -9.16 1.78
C ALA D 168 35.06 -10.63 1.46
N GLY D 169 35.29 -10.97 0.20
CA GLY D 169 35.52 -12.34 -0.20
C GLY D 169 34.35 -13.05 -0.84
N ILE D 170 33.35 -12.31 -1.34
CA ILE D 170 32.21 -12.97 -1.97
C ILE D 170 32.69 -13.70 -3.23
N LYS D 171 32.00 -14.79 -3.57
CA LYS D 171 32.40 -15.59 -4.71
C LYS D 171 31.50 -15.39 -5.93
N GLY D 172 30.42 -14.64 -5.80
CA GLY D 172 29.50 -14.48 -6.89
C GLY D 172 28.40 -13.52 -6.48
N ILE D 173 27.84 -12.80 -7.44
CA ILE D 173 26.87 -11.76 -7.15
C ILE D 173 25.66 -11.96 -8.03
N LEU D 174 24.47 -12.02 -7.40
CA LEU D 174 23.20 -11.89 -8.11
C LEU D 174 22.75 -10.45 -7.96
N ASN D 175 22.50 -9.79 -9.08
CA ASN D 175 22.30 -8.35 -9.11
C ASN D 175 20.93 -8.03 -9.68
N PHE D 176 20.08 -7.39 -8.87
CA PHE D 176 18.79 -6.93 -9.36
C PHE D 176 18.81 -5.49 -9.82
N ALA D 177 19.85 -4.74 -9.46
CA ALA D 177 19.91 -3.33 -9.79
C ALA D 177 20.09 -3.14 -11.31
N PRO D 178 19.38 -2.21 -11.91
CA PRO D 178 19.48 -2.00 -13.37
C PRO D 178 20.74 -1.21 -13.75
N VAL D 179 21.88 -1.85 -13.55
CA VAL D 179 23.18 -1.24 -13.85
C VAL D 179 24.19 -2.37 -13.99
N LYS D 180 25.10 -2.23 -14.95
CA LYS D 180 26.13 -3.23 -15.18
C LYS D 180 27.22 -3.10 -14.12
N ILE D 181 27.50 -4.20 -13.42
CA ILE D 181 28.45 -4.24 -12.32
C ILE D 181 29.81 -4.64 -12.84
N LYS D 182 30.86 -4.01 -12.31
CA LYS D 182 32.25 -4.29 -12.70
C LYS D 182 33.00 -4.79 -11.47
N VAL D 183 33.13 -6.12 -11.35
CA VAL D 183 33.89 -6.74 -10.28
C VAL D 183 34.57 -8.00 -10.83
N SER D 184 35.44 -8.58 -10.00
CA SER D 184 36.22 -9.74 -10.39
C SER D 184 35.44 -11.04 -10.28
N VAL D 185 34.38 -11.07 -9.47
CA VAL D 185 33.63 -12.30 -9.27
C VAL D 185 32.57 -12.40 -10.35
N PRO D 186 32.05 -13.59 -10.62
CA PRO D 186 30.97 -13.71 -11.60
C PRO D 186 29.70 -13.01 -11.11
N VAL D 187 28.96 -12.47 -12.06
CA VAL D 187 27.76 -11.70 -11.80
C VAL D 187 26.66 -12.22 -12.70
N GLU D 188 25.51 -12.54 -12.10
CA GLU D 188 24.28 -12.76 -12.83
C GLU D 188 23.38 -11.56 -12.59
N ASN D 189 22.84 -11.01 -13.67
CA ASN D 189 21.97 -9.86 -13.55
C ASN D 189 20.53 -10.29 -13.80
N ILE D 190 19.64 -9.77 -12.98
CA ILE D 190 18.21 -9.84 -13.22
C ILE D 190 17.69 -8.41 -13.28
N ASP D 191 17.11 -8.05 -14.42
CA ASP D 191 16.48 -6.74 -14.60
C ASP D 191 15.05 -6.97 -15.04
N ILE D 192 14.13 -6.82 -14.10
CA ILE D 192 12.71 -7.03 -14.40
C ILE D 192 12.23 -6.05 -15.48
N THR D 193 12.69 -4.80 -15.43
CA THR D 193 12.24 -3.84 -16.42
C THR D 193 12.75 -4.20 -17.80
N ALA D 194 14.04 -4.57 -17.90
CA ALA D 194 14.60 -5.01 -19.18
C ALA D 194 13.87 -6.23 -19.72
N SER D 195 13.50 -7.17 -18.84
CA SER D 195 12.73 -8.32 -19.30
C SER D 195 11.38 -7.89 -19.84
N LEU D 196 10.72 -6.94 -19.16
CA LEU D 196 9.44 -6.43 -19.65
C LEU D 196 9.59 -5.71 -20.99
N ARG D 197 10.62 -4.86 -21.12
CA ARG D 197 10.80 -4.14 -22.37
C ARG D 197 11.16 -5.09 -23.50
N VAL D 198 11.99 -6.09 -23.24
CA VAL D 198 12.31 -7.09 -24.26
C VAL D 198 11.05 -7.85 -24.66
N LEU D 199 10.18 -8.14 -23.69
CA LEU D 199 8.92 -8.81 -24.00
C LEU D 199 8.04 -7.95 -24.90
N THR D 200 8.02 -6.64 -24.67
CA THR D 200 7.14 -5.77 -25.44
C THR D 200 7.59 -5.66 -26.90
N PHE D 201 8.90 -5.55 -27.13
CA PHE D 201 9.40 -5.48 -28.50
C PHE D 201 9.02 -6.73 -29.29
N GLU D 202 9.09 -7.90 -28.66
CA GLU D 202 8.67 -9.12 -29.33
C GLU D 202 7.16 -9.14 -29.55
N ILE D 203 6.40 -8.62 -28.59
CA ILE D 203 4.95 -8.47 -28.78
C ILE D 203 4.67 -7.63 -30.02
N VAL D 204 5.30 -6.45 -30.10
CA VAL D 204 5.08 -5.56 -31.24
C VAL D 204 5.51 -6.23 -32.54
N ARG D 205 6.63 -6.95 -32.51
CA ARG D 205 7.18 -7.52 -33.73
C ARG D 205 6.27 -8.59 -34.33
N ARG D 206 5.60 -9.37 -33.47
CA ARG D 206 4.73 -10.43 -33.97
C ARG D 206 3.42 -9.88 -34.51
N ASN D 207 2.95 -8.75 -33.98
CA ASN D 207 1.72 -8.14 -34.46
C ASN D 207 1.95 -7.45 -35.80
PA NAD E . -8.35 25.30 22.90
O1A NAD E . -7.81 25.85 21.66
O2A NAD E . -7.59 25.37 24.15
O5B NAD E . -9.71 26.01 23.18
C5B NAD E . -10.38 25.76 24.37
C4B NAD E . -11.13 27.02 24.65
O4B NAD E . -12.05 26.75 25.68
C3B NAD E . -10.18 28.07 25.17
O3B NAD E . -10.35 29.24 24.41
C2B NAD E . -10.63 28.28 26.59
O2B NAD E . -10.57 29.63 27.00
C1B NAD E . -12.06 27.85 26.51
N9A NAD E . -12.60 27.47 27.79
C8A NAD E . -12.00 26.81 28.74
N7A NAD E . -12.83 26.63 29.78
C5A NAD E . -13.97 27.20 29.48
C6A NAD E . -15.28 27.40 30.11
N6A NAD E . -15.56 26.95 31.33
N1A NAD E . -16.19 28.06 29.43
C2A NAD E . -15.96 28.53 28.22
N3A NAD E . -14.82 28.40 27.59
C4A NAD E . -13.81 27.75 28.16
O3 NAD E . -8.89 23.86 22.68
PN NAD E . -9.35 23.29 21.28
O1N NAD E . -8.16 22.80 20.56
O2N NAD E . -10.32 24.18 20.63
O5D NAD E . -10.08 22.02 21.84
C5D NAD E . -11.47 21.97 22.09
C4D NAD E . -11.87 20.60 22.55
O4D NAD E . -11.72 19.65 21.53
C3D NAD E . -10.99 20.17 23.67
O3D NAD E . -11.82 19.54 24.60
C2D NAD E . -10.09 19.15 23.04
O2D NAD E . -9.72 18.16 23.96
C1D NAD E . -10.96 18.55 21.98
N1N NAD E . -10.12 18.10 20.91
C2N NAD E . -9.60 18.92 20.04
C3N NAD E . -8.80 18.45 19.03
C7N NAD E . -8.20 19.36 18.02
O7N NAD E . -7.76 18.92 17.00
N7N NAD E . -8.13 20.66 18.29
C4N NAD E . -8.53 17.12 18.94
C5N NAD E . -9.08 16.29 19.87
C6N NAD E . -9.87 16.81 20.85
PA NAD F . -10.37 25.96 4.77
O1A NAD F . -10.17 26.79 5.96
O2A NAD F . -10.71 26.54 3.48
O5B NAD F . -9.08 25.15 4.49
C5B NAD F . -8.82 24.77 3.17
C4B NAD F . -7.33 24.79 3.03
O4B NAD F . -6.96 23.79 2.12
C3B NAD F . -6.88 26.11 2.48
O3B NAD F . -5.86 26.56 3.33
C2B NAD F . -6.36 25.78 1.12
O2B NAD F . -5.20 26.49 0.76
C1B NAD F . -5.99 24.32 1.28
N9A NAD F . -6.02 23.62 0.02
C8A NAD F . -6.88 23.75 -0.96
N7A NAD F . -6.59 22.93 -1.96
C5A NAD F . -5.51 22.26 -1.62
C6A NAD F . -4.64 21.23 -2.20
N6A NAD F . -4.85 20.72 -3.40
N1A NAD F . -3.61 20.82 -1.48
C2A NAD F . -3.34 21.31 -0.28
N3A NAD F . -4.08 22.23 0.31
C4A NAD F . -5.14 22.74 -0.31
O3 NAD F . -11.34 24.80 5.12
PN NAD F . -11.61 24.31 6.60
O1N NAD F . -12.74 25.05 7.18
O2N NAD F . -10.33 24.14 7.32
O5D NAD F . -12.20 22.90 6.22
C5D NAD F . -11.41 21.89 5.64
C4D NAD F . -12.28 20.71 5.28
O4D NAD F . -13.11 20.32 6.35
C3D NAD F . -13.18 21.12 4.17
O3D NAD F . -13.19 20.00 3.33
C2D NAD F . -14.51 21.31 4.86
O2D NAD F . -15.62 21.10 4.04
C1D NAD F . -14.45 20.29 5.95
N1N NAD F . -15.28 20.77 7.01
C2N NAD F . -14.90 21.74 7.81
C3N NAD F . -15.74 22.17 8.81
C7N NAD F . -15.38 23.27 9.75
O7N NAD F . -16.01 23.36 10.79
N7N NAD F . -14.41 24.11 9.45
C4N NAD F . -16.96 21.58 8.97
C5N NAD F . -17.31 20.58 8.12
C6N NAD F . -16.44 20.19 7.15
PB ADP G . 6.52 -16.26 -4.32
O1B ADP G . 6.84 -14.84 -4.56
O2B ADP G . 6.38 -17.08 -5.56
O3B ADP G . 7.34 -16.88 -3.24
PA ADP G . 4.59 -16.84 -2.33
O1A ADP G . 4.41 -15.81 -1.26
O2A ADP G . 5.44 -18.02 -1.99
O3A ADP G . 5.05 -16.19 -3.73
O5' ADP G . 3.15 -17.41 -2.73
C5' ADP G . 2.59 -17.26 -4.04
C4' ADP G . 1.13 -16.80 -3.91
O4' ADP G . 0.35 -17.21 -5.02
C3' ADP G . 0.44 -17.37 -2.70
O3' ADP G . 0.10 -16.29 -1.85
C2' ADP G . -0.83 -18.02 -3.21
O2' ADP G . -1.91 -17.61 -2.38
C1' ADP G . -0.97 -17.47 -4.59
N9 ADP G . -1.49 -18.48 -5.51
C8 ADP G . -1.19 -19.76 -5.53
N7 ADP G . -1.84 -20.39 -6.52
C5 ADP G . -2.57 -19.48 -7.15
C6 ADP G . -3.48 -19.48 -8.28
N6 ADP G . -3.77 -20.60 -8.96
N1 ADP G . -4.04 -18.32 -8.61
C2 ADP G . -3.78 -17.20 -7.94
N3 ADP G . -2.96 -17.15 -6.90
C4 ADP G . -2.34 -18.24 -6.48
PA NAD H . 13.51 -1.00 -2.64
O1A NAD H . 12.22 -1.23 -1.98
O2A NAD H . 13.86 0.31 -3.18
O5B NAD H . 14.70 -1.37 -1.71
C5B NAD H . 15.91 -0.67 -1.82
C4B NAD H . 16.58 -0.89 -0.50
O4B NAD H . 17.97 -0.75 -0.62
C3B NAD H . 16.10 0.13 0.51
O3B NAD H . 15.80 -0.61 1.66
C2B NAD H . 17.31 1.00 0.72
O2B NAD H . 17.41 1.51 2.02
C1B NAD H . 18.41 0.00 0.49
N9A NAD H . 19.68 0.62 0.21
C8A NAD H . 19.94 1.65 -0.55
N7A NAD H . 21.25 1.91 -0.55
C5A NAD H . 21.84 1.03 0.21
C6A NAD H . 23.19 0.72 0.67
N6A NAD H . 24.26 1.42 0.30
N1A NAD H . 23.35 -0.32 1.50
C2A NAD H . 22.32 -1.04 1.91
N3A NAD H . 21.07 -0.82 1.55
C4A NAD H . 20.79 0.17 0.72
O3 NAD H . 13.73 -2.15 -3.68
PN NAD H . 13.33 -2.08 -5.19
O1N NAD H . 12.05 -2.76 -5.37
O2N NAD H . 13.55 -0.71 -5.68
O5D NAD H . 14.48 -3.02 -5.71
C5D NAD H . 15.85 -2.72 -5.53
C4D NAD H . 16.64 -2.82 -6.81
O4D NAD H . 16.06 -3.70 -7.76
C3D NAD H . 16.69 -1.49 -7.47
O3D NAD H . 17.97 -1.43 -8.04
C2D NAD H . 15.64 -1.63 -8.53
O2D NAD H . 15.80 -0.76 -9.62
C1D NAD H . 15.81 -3.04 -8.97
N1N NAD H . 14.56 -3.46 -9.55
C2N NAD H . 13.53 -3.82 -8.80
C3N NAD H . 12.36 -4.21 -9.38
C7N NAD H . 11.18 -4.62 -8.55
O7N NAD H . 10.41 -5.42 -8.99
N7N NAD H . 11.02 -4.11 -7.34
C4N NAD H . 12.23 -4.20 -10.73
C5N NAD H . 13.30 -3.82 -11.48
C6N NAD H . 14.47 -3.44 -10.86
#